data_9IZ2
#
_entry.id   9IZ2
#
_cell.length_a   1.00
_cell.length_b   1.00
_cell.length_c   1.00
_cell.angle_alpha   90.00
_cell.angle_beta   90.00
_cell.angle_gamma   90.00
#
_symmetry.space_group_name_H-M   'P 1'
#
loop_
_entity.id
_entity.type
_entity.pdbx_description
1 polymer 'CTP synthase'
2 non-polymer 6-DIAZENYL-5-OXO-L-NORLEUCINE
3 non-polymer 'MAGNESIUM ION'
4 non-polymer "2'-DEOXYADENOSINE-5'-DIPHOSPHATE"
5 non-polymer "2'-DEOXYGUANOSINE-5'-TRIPHOSPHATE"
6 non-polymer '[[(2~{R},3~{S},4~{R},5~{R})-3,4-bis(oxidanyl)-5-(2-oxidanyl-4-phosphonooxy-pyrimidin-1-yl)oxolan-2-yl]methoxy-oxidanyl-phosphoryl] phosphono hydrogen phosphate'
#
_entity_poly.entity_id   1
_entity_poly.type   'polypeptide(L)'
_entity_poly.pdbx_seq_one_letter_code
;MKYILVTGGVISGVGKGVIASSFGTLLKSCGLDVTSIKIDPYINIDAGTFSPYEHGEVYVLDDGAEVDLDLGNYERFLDV
TLHRDNNITTGKIYKLVIEKERTGEYLGKTVQVVPHITDAIQEWVERVAQTPVQGSSKPQVCIVELGGTIGDIEGMPFVE
AFRQFQFRVKRENFCLAHVSLVPLPKATGEPKTKPTQSSVRELRGCGLSPDLIVCRSEKPIGLEVKEKISNFCHVGPDQV
ICIHDLNSIYHVPLLMEQNGVIEYLNERLQLNIDMSKRTKCLQQWRDLARRTETVRREVCIAVVGKYTKFTDSYASVVKA
LQHAALAVNRKLELVFIESCLLEEETLHSEPSKYHKEWQKLCDSHGILVPGGFGSRGMEGKIRACQWARENQKPLLGICL
GLQAAVIEFARNKLGLKDANTTEIDPNTANALVIDMPEHHTGQLGGTMRLGKRITVFSDGPSVIRQLYGNPKSVQERHRH
RYEVNPKYVHLLEEQGMRFVGTDVDKTRMEIIELSGHPYFVATQYHPEYLSRPLKPSPPFLGLILASVDRLNQYIQ
;
_entity_poly.pdbx_strand_id   A,B,C
#
# COMPACT_ATOMS: atom_id res chain seq x y z
N MET A 1 -0.98 27.81 -9.70
CA MET A 1 -1.03 26.49 -9.09
C MET A 1 -1.22 26.61 -7.58
N LYS A 2 -2.08 25.76 -7.02
CA LYS A 2 -2.36 25.73 -5.60
C LYS A 2 -1.88 24.41 -5.01
N TYR A 3 -1.48 24.46 -3.76
CA TYR A 3 -0.89 23.31 -3.09
C TYR A 3 -1.57 23.07 -1.76
N ILE A 4 -1.81 21.80 -1.46
CA ILE A 4 -2.28 21.36 -0.15
C ILE A 4 -1.26 20.35 0.37
N LEU A 5 -0.63 20.67 1.48
CA LEU A 5 0.32 19.78 2.13
C LEU A 5 -0.40 19.07 3.27
N VAL A 6 -0.31 17.74 3.29
CA VAL A 6 -0.92 16.92 4.34
C VAL A 6 0.20 16.32 5.15
N THR A 7 0.35 16.77 6.38
CA THR A 7 1.40 16.29 7.27
C THR A 7 0.79 15.35 8.32
N GLY A 8 1.67 14.61 8.99
CA GLY A 8 1.27 13.58 9.92
C GLY A 8 1.53 13.97 11.36
N GLY A 9 0.79 13.34 12.26
CA GLY A 9 0.86 13.70 13.66
C GLY A 9 1.82 12.84 14.45
N VAL A 10 1.29 11.89 15.23
CA VAL A 10 2.12 11.09 16.11
C VAL A 10 2.40 9.71 15.52
N ILE A 11 1.60 9.23 14.56
CA ILE A 11 1.80 7.96 13.91
C ILE A 11 1.68 8.17 12.40
N SER A 12 2.18 7.20 11.64
CA SER A 12 2.14 7.25 10.19
C SER A 12 1.00 6.44 9.60
N GLY A 13 0.21 5.77 10.43
CA GLY A 13 -0.96 5.07 9.94
C GLY A 13 -2.22 5.84 10.26
N VAL A 14 -2.06 7.15 10.51
CA VAL A 14 -3.17 7.96 11.01
C VAL A 14 -4.27 8.09 9.96
N GLY A 15 -3.91 8.17 8.68
CA GLY A 15 -4.91 8.36 7.66
C GLY A 15 -4.64 9.49 6.69
N LYS A 16 -3.39 9.90 6.56
CA LYS A 16 -3.04 10.97 5.63
C LYS A 16 -3.43 10.62 4.21
N GLY A 17 -3.24 9.35 3.81
CA GLY A 17 -3.59 8.97 2.45
C GLY A 17 -5.06 9.11 2.14
N VAL A 18 -5.92 8.69 3.09
CA VAL A 18 -7.35 8.82 2.90
C VAL A 18 -7.78 10.29 2.93
N ILE A 19 -7.17 11.08 3.81
CA ILE A 19 -7.49 12.51 3.87
C ILE A 19 -7.11 13.21 2.57
N ALA A 20 -5.92 12.90 2.04
CA ALA A 20 -5.48 13.49 0.78
C ALA A 20 -6.35 13.04 -0.39
N SER A 21 -6.70 11.75 -0.43
CA SER A 21 -7.59 11.26 -1.48
C SER A 21 -8.96 11.91 -1.40
N SER A 22 -9.43 12.16 -0.17
CA SER A 22 -10.72 12.83 -0.01
C SER A 22 -10.65 14.30 -0.39
N PHE A 23 -9.52 14.96 -0.11
CA PHE A 23 -9.31 16.32 -0.63
C PHE A 23 -9.38 16.33 -2.15
N GLY A 24 -8.69 15.39 -2.79
CA GLY A 24 -8.73 15.31 -4.24
C GLY A 24 -10.12 15.03 -4.77
N THR A 25 -10.85 14.14 -4.10
CA THR A 25 -12.22 13.81 -4.51
C THR A 25 -13.13 15.02 -4.40
N LEU A 26 -13.03 15.76 -3.28
CA LEU A 26 -13.86 16.95 -3.10
C LEU A 26 -13.53 18.00 -4.14
N LEU A 27 -12.25 18.20 -4.44
CA LEU A 27 -11.88 19.25 -5.39
C LEU A 27 -12.26 18.86 -6.81
N LYS A 28 -12.11 17.58 -7.17
CA LYS A 28 -12.48 17.16 -8.52
C LYS A 28 -13.99 17.07 -8.68
N SER A 29 -14.73 16.94 -7.58
CA SER A 29 -16.18 17.02 -7.67
C SER A 29 -16.63 18.44 -8.00
N CYS A 30 -15.91 19.44 -7.49
CA CYS A 30 -16.23 20.82 -7.84
C CYS A 30 -16.01 21.08 -9.33
N GLY A 31 -14.94 20.52 -9.88
CA GLY A 31 -14.64 20.71 -11.29
C GLY A 31 -13.18 20.99 -11.56
N LEU A 32 -12.35 20.95 -10.52
CA LEU A 32 -10.94 21.23 -10.67
C LEU A 32 -10.19 19.98 -11.12
N ASP A 33 -8.96 20.19 -11.60
CA ASP A 33 -8.04 19.11 -11.93
C ASP A 33 -7.02 19.00 -10.80
N VAL A 34 -6.88 17.80 -10.25
CA VAL A 34 -6.10 17.58 -9.04
C VAL A 34 -4.94 16.67 -9.36
N THR A 35 -3.73 17.07 -8.97
CA THR A 35 -2.56 16.23 -9.00
C THR A 35 -2.28 15.70 -7.60
N SER A 36 -1.53 14.60 -7.53
CA SER A 36 -1.16 14.01 -6.25
C SER A 36 0.29 13.59 -6.32
N ILE A 37 1.09 14.11 -5.40
CA ILE A 37 2.49 13.72 -5.24
C ILE A 37 2.64 13.13 -3.85
N LYS A 38 3.06 11.87 -3.79
CA LYS A 38 3.39 11.22 -2.54
C LYS A 38 4.87 11.40 -2.29
N ILE A 39 5.22 11.89 -1.10
CA ILE A 39 6.61 12.04 -0.70
C ILE A 39 6.91 10.97 0.33
N ASP A 40 7.89 10.13 0.03
CA ASP A 40 8.34 9.06 0.92
C ASP A 40 9.74 9.39 1.41
N PRO A 41 9.90 9.86 2.64
CA PRO A 41 11.23 10.24 3.12
C PRO A 41 12.21 9.08 3.26
N TYR A 42 11.82 7.86 2.90
CA TYR A 42 12.79 6.77 2.94
C TYR A 42 13.74 6.87 1.75
N ILE A 43 14.84 6.12 1.84
CA ILE A 43 15.93 6.22 0.87
C ILE A 43 15.81 5.19 -0.24
N ASN A 44 14.91 4.23 -0.13
CA ASN A 44 14.67 3.29 -1.22
C ASN A 44 14.22 4.06 -2.47
N ILE A 45 14.76 3.67 -3.62
CA ILE A 45 14.39 4.34 -4.87
C ILE A 45 12.91 4.14 -5.17
N ASP A 46 12.42 2.91 -4.99
CA ASP A 46 11.01 2.62 -5.18
C ASP A 46 10.57 1.67 -4.07
N ALA A 47 9.34 1.19 -4.16
CA ALA A 47 8.76 0.30 -3.16
C ALA A 47 8.80 -1.16 -3.57
N GLY A 48 9.56 -1.50 -4.62
CA GLY A 48 9.62 -2.87 -5.09
C GLY A 48 10.40 -3.81 -4.19
N THR A 49 11.27 -3.27 -3.34
CA THR A 49 12.06 -4.08 -2.42
C THR A 49 11.51 -4.07 -1.01
N PHE A 50 10.21 -3.79 -0.85
CA PHE A 50 9.57 -3.72 0.45
C PHE A 50 8.82 -5.02 0.74
N SER A 51 8.85 -5.43 2.00
CA SER A 51 7.92 -6.43 2.47
C SER A 51 6.52 -5.82 2.58
N PRO A 52 5.47 -6.62 2.40
CA PRO A 52 4.12 -6.09 2.63
C PRO A 52 3.89 -5.63 4.06
N TYR A 53 4.70 -6.10 5.01
CA TYR A 53 4.56 -5.71 6.41
C TYR A 53 5.10 -4.31 6.69
N GLU A 54 6.02 -3.81 5.86
CA GLU A 54 6.66 -2.52 6.16
C GLU A 54 5.66 -1.38 6.11
N HIS A 55 4.91 -1.26 5.03
CA HIS A 55 3.96 -0.17 4.87
C HIS A 55 2.64 -0.59 4.23
N GLY A 56 2.45 -1.87 3.93
CA GLY A 56 1.27 -2.34 3.24
C GLY A 56 1.61 -2.91 1.88
N GLU A 57 0.57 -3.19 1.11
CA GLU A 57 0.74 -3.79 -0.21
C GLU A 57 1.46 -2.83 -1.15
N VAL A 58 2.32 -3.38 -2.01
CA VAL A 58 3.07 -2.60 -2.98
C VAL A 58 2.24 -2.45 -4.24
N TYR A 59 2.12 -1.23 -4.73
CA TYR A 59 1.32 -0.93 -5.91
C TYR A 59 2.21 -0.81 -7.15
N VAL A 60 1.72 -1.31 -8.28
CA VAL A 60 2.45 -1.32 -9.53
C VAL A 60 1.74 -0.39 -10.51
N LEU A 61 2.51 0.46 -11.19
CA LEU A 61 1.98 1.43 -12.13
C LEU A 61 2.06 0.90 -13.56
N ASP A 62 1.51 1.68 -14.50
CA ASP A 62 1.53 1.29 -15.91
C ASP A 62 2.95 1.23 -16.45
N ASP A 63 3.80 2.17 -16.04
CA ASP A 63 5.18 2.24 -16.51
C ASP A 63 6.11 1.30 -15.78
N GLY A 64 5.60 0.52 -14.83
CA GLY A 64 6.38 -0.47 -14.13
C GLY A 64 6.84 -0.08 -12.74
N ALA A 65 6.67 1.18 -12.35
CA ALA A 65 7.14 1.62 -11.04
C ALA A 65 6.35 0.94 -9.94
N GLU A 66 7.06 0.38 -8.97
CA GLU A 66 6.45 -0.18 -7.77
C GLU A 66 6.45 0.90 -6.69
N VAL A 67 5.26 1.26 -6.22
CA VAL A 67 5.07 2.44 -5.39
C VAL A 67 4.24 2.05 -4.16
N ASP A 68 3.94 3.05 -3.33
CA ASP A 68 3.17 2.86 -2.12
C ASP A 68 1.70 2.63 -2.45
N LEU A 69 0.96 2.12 -1.47
CA LEU A 69 -0.48 1.98 -1.64
C LEU A 69 -1.21 3.32 -1.63
N ASP A 70 -0.53 4.40 -1.24
CA ASP A 70 -1.13 5.72 -1.34
C ASP A 70 -1.43 6.09 -2.79
N LEU A 71 -0.52 5.75 -3.71
CA LEU A 71 -0.78 5.99 -5.12
C LEU A 71 -1.93 5.12 -5.62
N GLY A 72 -2.07 3.92 -5.09
CA GLY A 72 -3.24 3.11 -5.40
C GLY A 72 -4.53 3.76 -4.95
N ASN A 73 -4.53 4.33 -3.74
CA ASN A 73 -5.69 5.06 -3.27
C ASN A 73 -5.98 6.28 -4.14
N TYR A 74 -4.93 6.98 -4.56
CA TYR A 74 -5.11 8.14 -5.42
C TYR A 74 -5.77 7.74 -6.74
N GLU A 75 -5.27 6.67 -7.36
CA GLU A 75 -5.84 6.23 -8.63
C GLU A 75 -7.27 5.73 -8.45
N ARG A 76 -7.54 5.02 -7.34
CA ARG A 76 -8.89 4.51 -7.12
C ARG A 76 -9.90 5.64 -6.90
N PHE A 77 -9.54 6.64 -6.11
CA PHE A 77 -10.49 7.70 -5.81
C PHE A 77 -10.59 8.73 -6.93
N LEU A 78 -9.50 8.99 -7.65
CA LEU A 78 -9.45 10.04 -8.65
C LEU A 78 -9.54 9.54 -10.08
N ASP A 79 -9.36 8.23 -10.31
CA ASP A 79 -9.42 7.64 -11.65
C ASP A 79 -8.43 8.31 -12.60
N VAL A 80 -7.19 8.44 -12.14
CA VAL A 80 -6.11 9.04 -12.92
C VAL A 80 -4.97 8.04 -13.03
N THR A 81 -4.17 8.17 -14.09
CA THR A 81 -3.06 7.27 -14.34
C THR A 81 -1.77 7.97 -13.93
N LEU A 82 -1.28 7.65 -12.74
CA LEU A 82 -0.08 8.27 -12.21
C LEU A 82 1.17 7.72 -12.89
N HIS A 83 2.29 8.41 -12.68
CA HIS A 83 3.56 8.05 -13.29
C HIS A 83 4.60 7.82 -12.21
N ARG A 84 5.84 7.58 -12.65
CA ARG A 84 6.94 7.35 -11.73
C ARG A 84 7.34 8.62 -10.98
N ASP A 85 7.14 9.79 -11.61
CA ASP A 85 7.53 11.05 -11.00
C ASP A 85 6.56 11.50 -9.91
N ASN A 86 5.41 10.85 -9.76
CA ASN A 86 4.46 11.25 -8.73
C ASN A 86 4.84 10.73 -7.35
N ASN A 87 5.89 9.92 -7.25
CA ASN A 87 6.44 9.49 -5.97
C ASN A 87 7.83 10.09 -5.83
N ILE A 88 8.04 10.82 -4.73
CA ILE A 88 9.32 11.45 -4.43
C ILE A 88 9.90 10.75 -3.21
N THR A 89 11.10 10.20 -3.35
CA THR A 89 11.80 9.60 -2.24
C THR A 89 13.09 10.37 -1.97
N THR A 90 13.67 10.14 -0.79
CA THR A 90 14.96 10.72 -0.48
C THR A 90 16.04 10.21 -1.43
N GLY A 91 15.99 8.91 -1.74
CA GLY A 91 16.97 8.33 -2.65
C GLY A 91 16.95 8.98 -4.02
N LYS A 92 15.75 9.26 -4.55
CA LYS A 92 15.63 9.92 -5.84
C LYS A 92 16.29 11.29 -5.83
N ILE A 93 15.98 12.11 -4.82
CA ILE A 93 16.51 13.46 -4.74
C ILE A 93 18.03 13.43 -4.59
N TYR A 94 18.53 12.57 -3.71
CA TYR A 94 19.99 12.52 -3.49
C TYR A 94 20.72 11.99 -4.70
N LYS A 95 20.16 10.97 -5.37
CA LYS A 95 20.78 10.46 -6.59
C LYS A 95 20.80 11.52 -7.67
N LEU A 96 19.70 12.27 -7.82
CA LEU A 96 19.66 13.36 -8.80
C LEU A 96 20.73 14.40 -8.51
N VAL A 97 20.84 14.83 -7.26
CA VAL A 97 21.78 15.89 -6.92
C VAL A 97 23.22 15.39 -7.07
N ILE A 98 23.48 14.14 -6.70
CA ILE A 98 24.83 13.60 -6.83
C ILE A 98 25.23 13.48 -8.30
N GLU A 99 24.30 13.03 -9.16
CA GLU A 99 24.59 12.97 -10.59
C GLU A 99 24.84 14.36 -11.17
N LYS A 100 24.03 15.35 -10.76
CA LYS A 100 24.23 16.72 -11.24
C LYS A 100 25.58 17.26 -10.79
N GLU A 101 25.95 17.03 -9.53
CA GLU A 101 27.22 17.52 -9.01
C GLU A 101 28.39 16.85 -9.71
N ARG A 102 28.28 15.55 -9.98
CA ARG A 102 29.34 14.87 -10.71
C ARG A 102 29.47 15.39 -12.13
N THR A 103 28.34 15.65 -12.80
CA THR A 103 28.39 16.15 -14.16
C THR A 103 29.02 17.53 -14.23
N GLY A 104 28.69 18.40 -13.28
CA GLY A 104 29.30 19.72 -13.22
C GLY A 104 28.32 20.88 -13.21
N GLU A 105 27.05 20.59 -12.91
CA GLU A 105 26.04 21.64 -12.81
C GLU A 105 26.27 22.58 -11.63
N TYR A 106 26.86 22.09 -10.55
CA TYR A 106 27.08 22.88 -9.33
C TYR A 106 28.50 23.38 -9.20
N LEU A 107 29.21 23.55 -10.32
CA LEU A 107 30.61 23.95 -10.26
C LEU A 107 30.74 25.34 -9.64
N GLY A 108 31.64 25.46 -8.65
CA GLY A 108 31.88 26.74 -8.00
C GLY A 108 31.60 26.75 -6.52
N LYS A 109 30.54 26.05 -6.10
CA LYS A 109 30.11 26.04 -4.71
C LYS A 109 29.93 24.61 -4.23
N THR A 110 30.08 24.42 -2.92
CA THR A 110 29.79 23.13 -2.31
C THR A 110 28.29 22.88 -2.32
N VAL A 111 27.92 21.61 -2.41
CA VAL A 111 26.51 21.21 -2.45
C VAL A 111 26.07 20.90 -1.03
N GLN A 112 25.04 21.58 -0.57
CA GLN A 112 24.52 21.44 0.79
C GLN A 112 23.08 20.94 0.75
N VAL A 113 22.47 20.85 1.93
CA VAL A 113 21.08 20.42 2.00
C VAL A 113 20.14 21.59 1.74
N VAL A 114 20.26 22.66 2.53
CA VAL A 114 19.29 23.76 2.45
C VAL A 114 19.28 24.45 1.09
N PRO A 115 20.42 24.85 0.50
CA PRO A 115 20.34 25.52 -0.80
C PRO A 115 20.20 24.57 -1.99
N HIS A 116 20.53 23.29 -1.86
CA HIS A 116 20.58 22.41 -3.01
C HIS A 116 19.57 21.28 -2.96
N ILE A 117 19.54 20.51 -1.86
CA ILE A 117 18.59 19.42 -1.74
C ILE A 117 17.16 19.97 -1.71
N THR A 118 16.93 21.01 -0.91
CA THR A 118 15.59 21.59 -0.82
C THR A 118 15.20 22.25 -2.13
N ASP A 119 16.17 22.88 -2.81
CA ASP A 119 15.88 23.45 -4.12
C ASP A 119 15.49 22.37 -5.12
N ALA A 120 16.17 21.24 -5.09
CA ALA A 120 15.82 20.13 -5.97
C ALA A 120 14.44 19.58 -5.65
N ILE A 121 14.09 19.51 -4.36
CA ILE A 121 12.77 19.05 -3.96
C ILE A 121 11.70 20.00 -4.48
N GLN A 122 11.91 21.31 -4.33
CA GLN A 122 10.93 22.29 -4.81
C GLN A 122 10.81 22.25 -6.33
N GLU A 123 11.93 22.08 -7.03
CA GLU A 123 11.89 21.96 -8.48
C GLU A 123 11.11 20.72 -8.90
N TRP A 124 11.33 19.59 -8.22
CA TRP A 124 10.60 18.37 -8.53
C TRP A 124 9.11 18.56 -8.32
N VAL A 125 8.73 19.17 -7.20
CA VAL A 125 7.31 19.36 -6.90
C VAL A 125 6.66 20.29 -7.92
N GLU A 126 7.34 21.38 -8.27
CA GLU A 126 6.77 22.31 -9.25
C GLU A 126 6.67 21.70 -10.64
N ARG A 127 7.66 20.88 -11.02
CA ARG A 127 7.66 20.29 -12.35
C ARG A 127 6.60 19.19 -12.46
N VAL A 128 6.48 18.35 -11.43
CA VAL A 128 5.52 17.26 -11.49
C VAL A 128 4.10 17.74 -11.22
N ALA A 129 3.94 18.90 -10.58
CA ALA A 129 2.60 19.44 -10.39
C ALA A 129 1.94 19.75 -11.74
N GLN A 130 2.72 20.23 -12.71
CA GLN A 130 2.17 20.65 -14.00
C GLN A 130 2.09 19.53 -15.02
N THR A 131 2.60 18.35 -14.71
CA THR A 131 2.56 17.24 -15.67
C THR A 131 1.15 16.71 -15.80
N PRO A 132 0.57 16.69 -17.00
CA PRO A 132 -0.77 16.12 -17.16
C PRO A 132 -0.79 14.66 -16.74
N VAL A 133 -1.88 14.26 -16.09
CA VAL A 133 -1.99 12.91 -15.53
C VAL A 133 -3.24 12.17 -15.96
N GLN A 134 -4.29 12.84 -16.41
CA GLN A 134 -5.50 12.19 -16.90
C GLN A 134 -5.64 12.32 -18.41
N GLY A 135 -4.62 12.79 -19.11
CA GLY A 135 -4.69 13.00 -20.54
C GLY A 135 -4.14 14.36 -20.92
N SER A 136 -4.99 15.20 -21.51
CA SER A 136 -4.63 16.58 -21.80
C SER A 136 -4.96 17.52 -20.66
N SER A 137 -5.40 16.98 -19.52
CA SER A 137 -5.82 17.82 -18.40
C SER A 137 -4.63 18.58 -17.82
N LYS A 138 -4.78 19.89 -17.68
CA LYS A 138 -3.77 20.71 -17.03
C LYS A 138 -4.15 20.89 -15.57
N PRO A 139 -3.34 20.41 -14.63
CA PRO A 139 -3.76 20.43 -13.22
C PRO A 139 -3.88 21.85 -12.68
N GLN A 140 -4.73 21.99 -11.67
CA GLN A 140 -4.93 23.25 -10.95
C GLN A 140 -4.51 23.18 -9.50
N VAL A 141 -4.71 22.05 -8.83
CA VAL A 141 -4.33 21.86 -7.44
C VAL A 141 -3.44 20.63 -7.35
N CYS A 142 -2.36 20.74 -6.58
CA CYS A 142 -1.49 19.61 -6.29
C CYS A 142 -1.58 19.28 -4.82
N ILE A 143 -1.84 18.03 -4.50
CA ILE A 143 -1.97 17.58 -3.12
C ILE A 143 -0.72 16.77 -2.80
N VAL A 144 0.20 17.39 -2.10
CA VAL A 144 1.42 16.73 -1.67
C VAL A 144 1.18 16.11 -0.30
N GLU A 145 1.49 14.83 -0.18
CA GLU A 145 1.39 14.12 1.10
C GLU A 145 2.80 13.81 1.57
N LEU A 146 3.10 14.21 2.81
CA LEU A 146 4.39 13.91 3.42
C LEU A 146 4.26 12.63 4.23
N GLY A 147 4.98 11.59 3.80
CA GLY A 147 4.93 10.33 4.52
C GLY A 147 5.62 10.45 5.87
N GLY A 148 5.06 9.78 6.85
CA GLY A 148 5.61 9.78 8.19
C GLY A 148 4.97 10.82 9.09
N THR A 149 5.76 11.24 10.08
CA THR A 149 5.31 12.22 11.07
C THR A 149 6.30 13.37 11.12
N ILE A 150 5.81 14.53 11.58
CA ILE A 150 6.67 15.69 11.76
C ILE A 150 7.61 15.44 12.93
N GLY A 151 8.89 15.68 12.72
CA GLY A 151 9.91 15.45 13.72
C GLY A 151 10.89 14.36 13.39
N ASP A 152 10.66 13.60 12.31
CA ASP A 152 11.59 12.57 11.90
C ASP A 152 12.84 13.19 11.30
N ILE A 153 13.96 12.46 11.41
CA ILE A 153 15.21 12.93 10.85
C ILE A 153 15.16 12.92 9.33
N GLU A 154 14.49 11.92 8.74
CA GLU A 154 14.43 11.83 7.29
C GLU A 154 13.58 12.94 6.68
N GLY A 155 12.58 13.42 7.40
CA GLY A 155 11.68 14.43 6.89
C GLY A 155 12.10 15.87 7.05
N MET A 156 13.21 16.14 7.75
CA MET A 156 13.64 17.52 7.95
C MET A 156 13.94 18.25 6.64
N PRO A 157 14.65 17.66 5.66
CA PRO A 157 14.84 18.39 4.39
C PRO A 157 13.54 18.77 3.71
N PHE A 158 12.53 17.89 3.74
CA PHE A 158 11.28 18.20 3.08
C PHE A 158 10.50 19.28 3.83
N VAL A 159 10.56 19.26 5.16
CA VAL A 159 9.88 20.30 5.93
C VAL A 159 10.54 21.66 5.70
N GLU A 160 11.87 21.70 5.67
CA GLU A 160 12.56 22.96 5.35
C GLU A 160 12.26 23.42 3.93
N ALA A 161 12.20 22.47 2.99
CA ALA A 161 11.88 22.80 1.62
C ALA A 161 10.49 23.42 1.52
N PHE A 162 9.52 22.87 2.24
CA PHE A 162 8.18 23.44 2.19
C PHE A 162 8.06 24.74 2.98
N ARG A 163 8.88 24.92 4.01
CA ARG A 163 8.94 26.19 4.70
C ARG A 163 9.42 27.30 3.76
N GLN A 164 10.39 26.99 2.91
CA GLN A 164 10.80 27.94 1.87
C GLN A 164 9.77 28.02 0.74
N PHE A 165 9.09 26.91 0.45
CA PHE A 165 8.17 26.84 -0.66
C PHE A 165 6.92 27.69 -0.43
N GLN A 166 6.46 27.76 0.82
CA GLN A 166 5.26 28.55 1.10
C GLN A 166 5.50 30.02 0.81
N PHE A 167 6.70 30.52 1.07
CA PHE A 167 7.02 31.90 0.73
C PHE A 167 7.41 32.05 -0.73
N ARG A 168 7.92 30.99 -1.36
CA ARG A 168 8.23 31.04 -2.79
C ARG A 168 6.97 31.24 -3.62
N VAL A 169 5.88 30.54 -3.28
CA VAL A 169 4.65 30.58 -4.05
C VAL A 169 3.58 31.43 -3.38
N LYS A 170 3.94 32.19 -2.34
CA LYS A 170 3.01 32.99 -1.54
C LYS A 170 2.03 32.11 -0.78
N ARG A 171 1.52 32.62 0.34
CA ARG A 171 0.63 31.84 1.19
C ARG A 171 -0.74 31.62 0.56
N GLU A 172 -1.16 32.49 -0.35
CA GLU A 172 -2.48 32.32 -0.97
C GLU A 172 -2.56 31.05 -1.80
N ASN A 173 -1.44 30.58 -2.32
CA ASN A 173 -1.39 29.39 -3.15
C ASN A 173 -1.02 28.14 -2.37
N PHE A 174 -0.84 28.24 -1.06
CA PHE A 174 -0.30 27.15 -0.25
C PHE A 174 -1.12 27.00 1.02
N CYS A 175 -1.56 25.78 1.30
CA CYS A 175 -2.30 25.46 2.50
C CYS A 175 -1.69 24.22 3.13
N LEU A 176 -1.98 24.03 4.42
CA LEU A 176 -1.41 22.92 5.18
C LEU A 176 -2.47 22.34 6.09
N ALA A 177 -2.82 21.08 5.88
CA ALA A 177 -3.71 20.34 6.76
C ALA A 177 -2.89 19.34 7.57
N HIS A 178 -2.97 19.44 8.89
CA HIS A 178 -2.22 18.58 9.79
C HIS A 178 -3.17 17.52 10.35
N VAL A 179 -2.83 16.26 10.16
CA VAL A 179 -3.63 15.14 10.62
C VAL A 179 -2.96 14.56 11.86
N SER A 180 -3.71 14.48 12.95
CA SER A 180 -3.17 14.03 14.23
C SER A 180 -4.08 12.96 14.83
N LEU A 181 -3.56 12.28 15.84
CA LEU A 181 -4.26 11.21 16.54
C LEU A 181 -4.64 11.69 17.94
N VAL A 182 -5.87 11.41 18.34
CA VAL A 182 -6.33 11.70 19.69
C VAL A 182 -6.65 10.37 20.37
N PRO A 183 -5.71 9.78 21.12
CA PRO A 183 -5.97 8.49 21.76
C PRO A 183 -6.92 8.62 22.94
N LEU A 184 -7.71 7.56 23.16
CA LEU A 184 -8.66 7.48 24.27
C LEU A 184 -8.39 6.17 25.00
N PRO A 185 -7.41 6.15 25.91
CA PRO A 185 -7.10 4.91 26.63
C PRO A 185 -8.23 4.49 27.55
N LYS A 186 -8.38 3.18 27.71
CA LYS A 186 -9.44 2.64 28.57
C LYS A 186 -9.23 3.02 30.02
N ALA A 187 -7.98 2.96 30.50
CA ALA A 187 -7.70 3.30 31.89
C ALA A 187 -8.00 4.76 32.19
N THR A 188 -7.55 5.66 31.32
CA THR A 188 -7.82 7.08 31.51
C THR A 188 -9.29 7.40 31.24
N GLY A 189 -9.83 6.89 30.14
CA GLY A 189 -11.22 7.10 29.79
C GLY A 189 -11.53 8.42 29.12
N GLU A 190 -10.53 9.25 28.87
CA GLU A 190 -10.74 10.58 28.29
C GLU A 190 -9.88 10.75 27.05
N PRO A 191 -10.38 11.41 26.01
CA PRO A 191 -9.53 11.78 24.88
C PRO A 191 -8.41 12.71 25.32
N LYS A 192 -7.21 12.47 24.78
CA LYS A 192 -6.02 13.19 25.17
C LYS A 192 -5.56 14.08 24.03
N THR A 193 -5.39 15.37 24.32
CA THR A 193 -4.98 16.36 23.34
C THR A 193 -3.48 16.63 23.36
N LYS A 194 -2.75 16.08 24.32
CA LYS A 194 -1.34 16.42 24.48
C LYS A 194 -0.50 16.06 23.25
N PRO A 195 -0.62 14.87 22.65
CA PRO A 195 0.16 14.59 21.43
C PRO A 195 -0.10 15.57 20.29
N THR A 196 -1.34 16.02 20.11
CA THR A 196 -1.63 16.99 19.06
C THR A 196 -0.98 18.34 19.35
N GLN A 197 -1.00 18.77 20.62
CA GLN A 197 -0.31 19.99 20.99
C GLN A 197 1.19 19.87 20.76
N SER A 198 1.77 18.71 21.08
CA SER A 198 3.19 18.49 20.82
C SER A 198 3.49 18.54 19.33
N SER A 199 2.64 17.91 18.51
CA SER A 199 2.83 17.94 17.06
C SER A 199 2.76 19.35 16.52
N VAL A 200 1.79 20.14 17.00
CA VAL A 200 1.64 21.50 16.52
C VAL A 200 2.83 22.36 16.95
N ARG A 201 3.32 22.14 18.18
CA ARG A 201 4.50 22.86 18.63
C ARG A 201 5.71 22.53 17.77
N GLU A 202 5.89 21.25 17.43
CA GLU A 202 7.01 20.86 16.57
C GLU A 202 6.88 21.45 15.17
N LEU A 203 5.66 21.43 14.61
CA LEU A 203 5.46 21.96 13.26
C LEU A 203 5.62 23.47 13.24
N ARG A 204 5.32 24.16 14.34
CA ARG A 204 5.56 25.60 14.39
C ARG A 204 7.03 25.90 14.59
N GLY A 205 7.72 25.09 15.37
CA GLY A 205 9.16 25.24 15.49
C GLY A 205 9.89 25.01 14.18
N CYS A 206 9.36 24.11 13.35
CA CYS A 206 9.98 23.85 12.06
C CYS A 206 9.73 24.97 11.05
N GLY A 207 8.89 25.94 11.38
CA GLY A 207 8.65 27.10 10.53
C GLY A 207 7.31 27.11 9.81
N LEU A 208 6.45 26.13 10.02
CA LEU A 208 5.15 26.06 9.37
C LEU A 208 4.04 26.31 10.40
N SER A 209 2.81 26.21 9.94
CA SER A 209 1.64 26.37 10.80
C SER A 209 0.44 25.73 10.13
N PRO A 210 -0.26 24.82 10.81
CA PRO A 210 -1.37 24.11 10.18
C PRO A 210 -2.56 25.04 9.97
N ASP A 211 -3.02 25.13 8.72
CA ASP A 211 -4.27 25.84 8.46
C ASP A 211 -5.46 25.03 8.97
N LEU A 212 -5.42 23.72 8.81
CA LEU A 212 -6.43 22.82 9.31
C LEU A 212 -5.80 21.82 10.28
N ILE A 213 -6.57 21.46 11.30
CA ILE A 213 -6.19 20.39 12.23
C ILE A 213 -7.22 19.29 12.06
N VAL A 214 -6.80 18.15 11.52
CA VAL A 214 -7.66 17.00 11.33
C VAL A 214 -7.37 16.03 12.48
N CYS A 215 -8.32 15.92 13.40
CA CYS A 215 -8.15 15.08 14.58
C CYS A 215 -8.75 13.71 14.30
N ARG A 216 -7.94 12.67 14.40
CA ARG A 216 -8.37 11.30 14.12
C ARG A 216 -8.54 10.53 15.43
N SER A 217 -9.70 9.92 15.60
CA SER A 217 -10.00 9.11 16.77
C SER A 217 -10.82 7.91 16.32
N GLU A 218 -11.19 7.06 17.29
CA GLU A 218 -12.06 5.93 16.99
C GLU A 218 -13.53 6.29 17.13
N LYS A 219 -13.87 7.17 18.05
CA LYS A 219 -15.23 7.63 18.29
C LYS A 219 -15.25 9.15 18.26
N PRO A 220 -16.40 9.76 17.99
CA PRO A 220 -16.46 11.23 18.00
C PRO A 220 -16.07 11.80 19.35
N ILE A 221 -15.23 12.83 19.31
CA ILE A 221 -14.71 13.45 20.53
C ILE A 221 -15.63 14.56 20.96
N GLY A 222 -15.79 14.72 22.27
CA GLY A 222 -16.67 15.74 22.80
C GLY A 222 -16.18 17.14 22.46
N LEU A 223 -17.10 18.10 22.59
CA LEU A 223 -16.79 19.48 22.25
C LEU A 223 -15.73 20.07 23.17
N GLU A 224 -15.57 19.54 24.39
CA GLU A 224 -14.52 20.02 25.28
C GLU A 224 -13.14 19.75 24.68
N VAL A 225 -12.93 18.54 24.15
CA VAL A 225 -11.65 18.20 23.53
C VAL A 225 -11.39 19.06 22.30
N LYS A 226 -12.41 19.26 21.47
CA LYS A 226 -12.24 20.07 20.27
C LYS A 226 -11.91 21.51 20.62
N GLU A 227 -12.60 22.07 21.61
CA GLU A 227 -12.30 23.43 22.04
C GLU A 227 -10.92 23.52 22.67
N LYS A 228 -10.50 22.48 23.40
CA LYS A 228 -9.15 22.46 23.94
C LYS A 228 -8.11 22.48 22.83
N ILE A 229 -8.36 21.72 21.76
CA ILE A 229 -7.45 21.71 20.62
C ILE A 229 -7.41 23.08 19.95
N SER A 230 -8.57 23.71 19.79
CA SER A 230 -8.62 25.04 19.20
C SER A 230 -7.89 26.06 20.07
N ASN A 231 -7.96 25.90 21.39
CA ASN A 231 -7.29 26.82 22.29
C ASN A 231 -5.77 26.63 22.32
N PHE A 232 -5.32 25.38 22.35
CA PHE A 232 -3.90 25.09 22.50
C PHE A 232 -3.18 24.87 21.18
N CYS A 233 -3.86 25.05 20.04
CA CYS A 233 -3.21 25.00 18.74
C CYS A 233 -3.28 26.33 18.00
N HIS A 234 -3.87 27.36 18.61
CA HIS A 234 -3.96 28.70 18.02
C HIS A 234 -4.66 28.67 16.66
N VAL A 235 -5.62 27.76 16.52
CA VAL A 235 -6.49 27.69 15.35
C VAL A 235 -7.92 27.85 15.84
N GLY A 236 -8.77 28.38 14.96
CA GLY A 236 -10.14 28.66 15.30
C GLY A 236 -10.95 27.40 15.58
N PRO A 237 -12.10 27.57 16.23
CA PRO A 237 -12.97 26.41 16.48
C PRO A 237 -13.38 25.66 15.22
N ASP A 238 -13.60 26.37 14.12
CA ASP A 238 -14.03 25.76 12.87
C ASP A 238 -12.87 25.31 11.99
N GLN A 239 -11.62 25.46 12.45
CA GLN A 239 -10.46 24.95 11.74
C GLN A 239 -10.00 23.61 12.29
N VAL A 240 -10.78 22.99 13.16
CA VAL A 240 -10.48 21.67 13.70
C VAL A 240 -11.55 20.71 13.19
N ILE A 241 -11.13 19.70 12.44
CA ILE A 241 -12.03 18.74 11.81
C ILE A 241 -11.84 17.40 12.47
N CYS A 242 -12.93 16.82 12.95
CA CYS A 242 -12.89 15.54 13.67
C CYS A 242 -13.36 14.44 12.75
N ILE A 243 -12.45 13.51 12.43
CA ILE A 243 -12.74 12.37 11.59
C ILE A 243 -12.51 11.11 12.41
N HIS A 244 -13.56 10.35 12.64
CA HIS A 244 -13.48 9.12 13.40
C HIS A 244 -13.49 7.92 12.46
N ASP A 245 -13.32 6.73 13.02
CA ASP A 245 -13.32 5.51 12.22
C ASP A 245 -14.72 5.26 11.67
N LEU A 246 -14.84 5.27 10.34
CA LEU A 246 -16.11 5.10 9.66
C LEU A 246 -16.22 3.68 9.11
N ASN A 247 -17.44 3.33 8.70
CA ASN A 247 -17.68 1.98 8.17
C ASN A 247 -16.88 1.74 6.90
N SER A 248 -16.85 2.71 6.00
CA SER A 248 -16.07 2.61 4.77
C SER A 248 -15.41 3.96 4.52
N ILE A 249 -14.41 3.96 3.64
CA ILE A 249 -13.71 5.19 3.29
C ILE A 249 -14.50 6.05 2.31
N TYR A 250 -15.70 5.61 1.90
CA TYR A 250 -16.58 6.47 1.12
C TYR A 250 -17.27 7.51 2.00
N HIS A 251 -17.32 7.28 3.31
CA HIS A 251 -17.92 8.25 4.22
C HIS A 251 -16.99 9.41 4.54
N VAL A 252 -15.68 9.24 4.31
CA VAL A 252 -14.73 10.30 4.66
C VAL A 252 -14.95 11.58 3.85
N PRO A 253 -15.07 11.54 2.51
CA PRO A 253 -15.39 12.79 1.80
C PRO A 253 -16.71 13.40 2.25
N LEU A 254 -17.71 12.57 2.53
CA LEU A 254 -18.99 13.10 2.98
C LEU A 254 -18.86 13.77 4.35
N LEU A 255 -18.09 13.16 5.25
CA LEU A 255 -17.89 13.76 6.57
C LEU A 255 -17.14 15.08 6.46
N MET A 256 -16.09 15.13 5.64
CA MET A 256 -15.35 16.37 5.47
C MET A 256 -16.22 17.45 4.83
N GLU A 257 -17.09 17.07 3.88
CA GLU A 257 -18.02 18.04 3.31
C GLU A 257 -18.99 18.56 4.37
N GLN A 258 -19.52 17.67 5.22
CA GLN A 258 -20.38 18.11 6.30
C GLN A 258 -19.65 19.02 7.28
N ASN A 259 -18.33 18.87 7.39
CA ASN A 259 -17.54 19.71 8.28
C ASN A 259 -17.14 21.05 7.65
N GLY A 260 -17.53 21.31 6.40
CA GLY A 260 -17.23 22.58 5.78
C GLY A 260 -15.82 22.74 5.30
N VAL A 261 -15.17 21.64 4.91
CA VAL A 261 -13.79 21.71 4.41
C VAL A 261 -13.74 22.40 3.05
N ILE A 262 -14.71 22.09 2.18
CA ILE A 262 -14.70 22.66 0.83
C ILE A 262 -14.80 24.17 0.88
N GLU A 263 -15.72 24.68 1.71
CA GLU A 263 -15.88 26.13 1.83
C GLU A 263 -14.63 26.78 2.40
N TYR A 264 -14.02 26.17 3.42
CA TYR A 264 -12.82 26.75 4.00
C TYR A 264 -11.69 26.77 2.99
N LEU A 265 -11.52 25.71 2.22
CA LEU A 265 -10.46 25.70 1.21
C LEU A 265 -10.74 26.67 0.08
N ASN A 266 -12.01 26.86 -0.27
CA ASN A 266 -12.35 27.85 -1.28
C ASN A 266 -12.01 29.26 -0.82
N GLU A 267 -12.25 29.55 0.46
CA GLU A 267 -11.93 30.88 0.97
C GLU A 267 -10.43 31.05 1.23
N ARG A 268 -9.76 30.00 1.69
CA ARG A 268 -8.35 30.06 2.08
C ARG A 268 -7.43 30.08 0.87
N LEU A 269 -7.73 29.28 -0.15
CA LEU A 269 -6.90 29.20 -1.34
C LEU A 269 -7.46 29.99 -2.52
N GLN A 270 -8.55 30.73 -2.33
CA GLN A 270 -9.16 31.54 -3.37
C GLN A 270 -9.44 30.70 -4.62
N LEU A 271 -10.03 29.52 -4.40
CA LEU A 271 -10.32 28.61 -5.50
C LEU A 271 -11.40 29.14 -6.44
N ASN A 272 -12.16 30.14 -6.00
CA ASN A 272 -13.26 30.71 -6.80
C ASN A 272 -14.27 29.62 -7.20
N ILE A 273 -14.54 28.71 -6.28
CA ILE A 273 -15.56 27.68 -6.49
C ILE A 273 -16.93 28.29 -6.26
N ASP A 274 -17.86 28.00 -7.16
CA ASP A 274 -19.23 28.48 -7.03
C ASP A 274 -20.08 27.41 -6.33
N MET A 275 -20.76 27.81 -5.25
CA MET A 275 -21.52 26.86 -4.45
C MET A 275 -22.83 26.48 -5.11
N SER A 276 -23.46 27.38 -5.86
CA SER A 276 -24.77 27.11 -6.43
C SER A 276 -24.73 25.92 -7.38
N LYS A 277 -23.71 25.87 -8.25
CA LYS A 277 -23.61 24.75 -9.18
C LYS A 277 -23.22 23.46 -8.47
N ARG A 278 -22.33 23.54 -7.48
CA ARG A 278 -21.82 22.36 -6.79
C ARG A 278 -22.87 21.82 -5.82
N THR A 279 -23.92 21.24 -6.40
CA THR A 279 -24.97 20.57 -5.64
C THR A 279 -25.06 19.13 -6.12
N LYS A 280 -25.20 18.20 -5.17
CA LYS A 280 -25.18 16.77 -5.47
C LYS A 280 -23.89 16.38 -6.17
N CYS A 281 -22.78 16.98 -5.73
CA CYS A 281 -21.48 16.72 -6.36
C CYS A 281 -20.99 15.31 -6.05
N LEU A 282 -21.07 14.90 -4.78
CA LEU A 282 -20.60 13.58 -4.36
C LEU A 282 -21.71 12.55 -4.38
N GLN A 283 -22.43 12.46 -5.50
CA GLN A 283 -23.53 11.49 -5.56
C GLN A 283 -23.02 10.07 -5.70
N GLN A 284 -21.91 9.88 -6.41
CA GLN A 284 -21.33 8.54 -6.55
C GLN A 284 -20.93 7.98 -5.21
N TRP A 285 -20.26 8.78 -4.38
CA TRP A 285 -19.81 8.30 -3.08
C TRP A 285 -20.98 8.09 -2.11
N ARG A 286 -22.00 8.96 -2.18
CA ARG A 286 -23.18 8.75 -1.35
C ARG A 286 -23.89 7.46 -1.73
N ASP A 287 -24.05 7.20 -3.04
CA ASP A 287 -24.66 5.95 -3.48
C ASP A 287 -23.84 4.74 -3.07
N LEU A 288 -22.51 4.82 -3.21
CA LEU A 288 -21.65 3.71 -2.82
C LEU A 288 -21.72 3.45 -1.32
N ALA A 289 -21.72 4.51 -0.51
CA ALA A 289 -21.83 4.34 0.93
C ALA A 289 -23.17 3.75 1.33
N ARG A 290 -24.26 4.21 0.69
CA ARG A 290 -25.56 3.65 1.00
C ARG A 290 -25.63 2.17 0.63
N ARG A 291 -25.05 1.80 -0.52
CA ARG A 291 -25.05 0.40 -0.90
C ARG A 291 -24.21 -0.44 0.06
N THR A 292 -23.07 0.09 0.50
CA THR A 292 -22.26 -0.63 1.49
C THR A 292 -23.01 -0.79 2.81
N GLU A 293 -23.88 0.16 3.14
CA GLU A 293 -24.65 0.05 4.37
C GLU A 293 -25.78 -0.97 4.24
N THR A 294 -26.41 -1.05 3.07
CA THR A 294 -27.64 -1.79 2.88
C THR A 294 -27.46 -3.06 2.05
N VAL A 295 -26.36 -3.78 2.26
CA VAL A 295 -26.13 -5.07 1.63
C VAL A 295 -26.44 -6.16 2.64
N ARG A 296 -27.36 -7.06 2.30
CA ARG A 296 -27.81 -8.11 3.22
C ARG A 296 -27.30 -9.49 2.84
N ARG A 297 -27.37 -9.86 1.57
CA ARG A 297 -26.92 -11.17 1.15
C ARG A 297 -25.42 -11.34 1.42
N GLU A 298 -25.05 -12.53 1.86
CA GLU A 298 -23.69 -12.79 2.34
C GLU A 298 -22.94 -13.63 1.33
N VAL A 299 -21.71 -13.21 1.02
CA VAL A 299 -20.77 -14.00 0.25
C VAL A 299 -19.47 -14.09 1.04
N CYS A 300 -18.96 -15.30 1.23
CA CYS A 300 -17.77 -15.54 2.03
C CYS A 300 -16.65 -16.02 1.12
N ILE A 301 -15.52 -15.33 1.15
CA ILE A 301 -14.35 -15.67 0.35
C ILE A 301 -13.18 -15.89 1.29
N ALA A 302 -12.50 -17.03 1.12
CA ALA A 302 -11.34 -17.37 1.92
C ALA A 302 -10.09 -16.94 1.18
N VAL A 303 -9.27 -16.11 1.84
CA VAL A 303 -8.04 -15.59 1.25
C VAL A 303 -6.88 -16.39 1.82
N VAL A 304 -6.36 -17.32 1.03
CA VAL A 304 -5.29 -18.21 1.47
C VAL A 304 -3.98 -17.50 1.17
N GLY A 305 -3.54 -16.66 2.13
CA GLY A 305 -2.38 -15.83 1.93
C GLY A 305 -1.37 -16.02 3.03
N LYS A 306 -0.17 -15.48 2.79
CA LYS A 306 0.95 -15.61 3.72
C LYS A 306 1.24 -14.34 4.50
N TYR A 307 0.59 -13.23 4.17
CA TYR A 307 0.80 -11.96 4.88
C TYR A 307 -0.45 -11.54 5.64
N THR A 308 -1.10 -12.50 6.30
CA THR A 308 -2.38 -12.22 6.95
C THR A 308 -2.24 -11.62 8.33
N LYS A 309 -1.03 -11.58 8.90
CA LYS A 309 -0.85 -10.93 10.19
C LYS A 309 -1.11 -9.43 10.10
N PHE A 310 -0.86 -8.84 8.93
CA PHE A 310 -1.15 -7.44 8.65
C PHE A 310 -2.24 -7.39 7.60
N THR A 311 -3.36 -6.73 7.92
CA THR A 311 -4.51 -6.75 7.03
C THR A 311 -4.38 -5.82 5.85
N ASP A 312 -3.45 -4.86 5.88
CA ASP A 312 -3.24 -3.95 4.76
C ASP A 312 -2.21 -4.48 3.76
N SER A 313 -1.69 -5.69 3.98
CA SER A 313 -0.81 -6.31 3.00
C SER A 313 -1.55 -6.81 1.77
N TYR A 314 -2.87 -6.90 1.82
CA TYR A 314 -3.70 -7.27 0.69
C TYR A 314 -4.74 -6.19 0.41
N ALA A 315 -4.31 -4.92 0.47
CA ALA A 315 -5.27 -3.81 0.37
C ALA A 315 -5.97 -3.79 -0.98
N SER A 316 -5.20 -3.88 -2.07
CA SER A 316 -5.81 -3.84 -3.40
C SER A 316 -6.68 -5.06 -3.65
N VAL A 317 -6.26 -6.22 -3.16
CA VAL A 317 -7.06 -7.44 -3.34
C VAL A 317 -8.38 -7.32 -2.59
N VAL A 318 -8.34 -6.81 -1.36
CA VAL A 318 -9.56 -6.63 -0.58
C VAL A 318 -10.47 -5.62 -1.27
N LYS A 319 -9.89 -4.55 -1.81
CA LYS A 319 -10.71 -3.54 -2.50
C LYS A 319 -11.34 -4.11 -3.76
N ALA A 320 -10.61 -4.93 -4.51
CA ALA A 320 -11.20 -5.56 -5.69
C ALA A 320 -12.30 -6.54 -5.32
N LEU A 321 -12.10 -7.30 -4.25
CA LEU A 321 -13.15 -8.20 -3.77
C LEU A 321 -14.38 -7.43 -3.34
N GLN A 322 -14.18 -6.29 -2.66
CA GLN A 322 -15.31 -5.46 -2.26
C GLN A 322 -16.04 -4.88 -3.46
N HIS A 323 -15.30 -4.45 -4.48
CA HIS A 323 -15.92 -3.95 -5.69
C HIS A 323 -16.76 -5.04 -6.36
N ALA A 324 -16.22 -6.25 -6.45
CA ALA A 324 -16.96 -7.35 -7.07
C ALA A 324 -18.20 -7.72 -6.26
N ALA A 325 -18.08 -7.70 -4.93
CA ALA A 325 -19.22 -8.02 -4.07
C ALA A 325 -20.31 -6.97 -4.19
N LEU A 326 -19.94 -5.69 -4.27
CA LEU A 326 -20.95 -4.64 -4.42
C LEU A 326 -21.56 -4.65 -5.81
N ALA A 327 -20.81 -5.05 -6.84
CA ALA A 327 -21.34 -5.05 -8.20
C ALA A 327 -22.43 -6.09 -8.41
N VAL A 328 -22.62 -7.02 -7.48
CA VAL A 328 -23.64 -8.05 -7.59
C VAL A 328 -24.61 -8.02 -6.41
N ASN A 329 -24.58 -6.95 -5.61
CA ASN A 329 -25.46 -6.78 -4.46
C ASN A 329 -25.26 -7.91 -3.44
N ARG A 330 -24.03 -8.02 -2.97
CA ARG A 330 -23.66 -9.01 -1.96
C ARG A 330 -22.79 -8.36 -0.90
N LYS A 331 -22.93 -8.82 0.34
CA LYS A 331 -22.10 -8.35 1.44
C LYS A 331 -20.91 -9.28 1.57
N LEU A 332 -19.70 -8.70 1.53
CA LEU A 332 -18.48 -9.49 1.50
C LEU A 332 -18.06 -9.84 2.92
N GLU A 333 -18.10 -11.13 3.23
CA GLU A 333 -17.49 -11.67 4.45
C GLU A 333 -16.11 -12.19 4.09
N LEU A 334 -15.08 -11.53 4.57
CA LEU A 334 -13.71 -11.83 4.17
C LEU A 334 -13.01 -12.56 5.31
N VAL A 335 -12.62 -13.81 5.06
CA VAL A 335 -11.96 -14.63 6.06
C VAL A 335 -10.52 -14.89 5.64
N PHE A 336 -9.59 -14.15 6.24
CA PHE A 336 -8.18 -14.37 5.95
C PHE A 336 -7.72 -15.69 6.56
N ILE A 337 -7.02 -16.49 5.76
CA ILE A 337 -6.55 -17.80 6.18
C ILE A 337 -5.04 -17.85 5.95
N GLU A 338 -4.28 -17.98 7.03
CA GLU A 338 -2.84 -18.13 6.92
C GLU A 338 -2.52 -19.47 6.27
N SER A 339 -1.86 -19.43 5.10
CA SER A 339 -1.59 -20.65 4.36
C SER A 339 -0.64 -21.58 5.10
N CYS A 340 0.13 -21.06 6.05
CA CYS A 340 1.00 -21.93 6.85
C CYS A 340 0.19 -22.90 7.69
N LEU A 341 -0.92 -22.43 8.28
CA LEU A 341 -1.75 -23.26 9.14
C LEU A 341 -2.48 -24.36 8.38
N LEU A 342 -2.50 -24.31 7.05
CA LEU A 342 -3.13 -25.34 6.24
C LEU A 342 -2.18 -26.48 5.89
N GLU A 343 -0.91 -26.37 6.27
CA GLU A 343 0.09 -27.38 5.95
C GLU A 343 0.09 -28.49 6.99
N GLU A 344 0.53 -29.68 6.56
CA GLU A 344 0.53 -30.84 7.45
C GLU A 344 1.49 -30.68 8.61
N GLU A 345 2.51 -29.83 8.49
CA GLU A 345 3.40 -29.58 9.61
C GLU A 345 2.68 -28.87 10.76
N THR A 346 1.67 -28.05 10.43
CA THR A 346 0.89 -27.40 11.46
C THR A 346 0.03 -28.41 12.22
N LEU A 347 -0.38 -29.49 11.54
CA LEU A 347 -1.21 -30.50 12.18
C LEU A 347 -0.49 -31.15 13.35
N HIS A 348 0.80 -31.43 13.20
CA HIS A 348 1.56 -32.07 14.27
C HIS A 348 1.99 -31.09 15.36
N SER A 349 1.74 -29.80 15.18
CA SER A 349 2.11 -28.79 16.17
C SER A 349 0.90 -28.09 16.78
N GLU A 350 -0.04 -27.62 15.96
CA GLU A 350 -1.26 -26.96 16.43
C GLU A 350 -2.45 -27.62 15.75
N PRO A 351 -2.86 -28.81 16.20
CA PRO A 351 -4.01 -29.47 15.59
C PRO A 351 -5.29 -28.66 15.66
N SER A 352 -5.49 -27.92 16.75
CA SER A 352 -6.68 -27.08 16.87
C SER A 352 -6.69 -26.00 15.80
N LYS A 353 -5.56 -25.31 15.62
CA LYS A 353 -5.49 -24.27 14.59
C LYS A 353 -5.58 -24.86 13.19
N TYR A 354 -4.98 -26.04 12.99
CA TYR A 354 -5.06 -26.72 11.70
C TYR A 354 -6.52 -27.00 11.33
N HIS A 355 -7.26 -27.63 12.23
CA HIS A 355 -8.66 -27.95 11.93
C HIS A 355 -9.52 -26.69 11.86
N LYS A 356 -9.20 -25.67 12.67
CA LYS A 356 -9.96 -24.43 12.61
C LYS A 356 -9.81 -23.76 11.26
N GLU A 357 -8.58 -23.67 10.75
CA GLU A 357 -8.36 -23.06 9.44
C GLU A 357 -8.95 -23.93 8.33
N TRP A 358 -8.90 -25.25 8.47
CA TRP A 358 -9.47 -26.10 7.43
C TRP A 358 -10.98 -26.01 7.39
N GLN A 359 -11.64 -25.86 8.55
CA GLN A 359 -13.08 -25.67 8.53
C GLN A 359 -13.45 -24.24 8.15
N LYS A 360 -12.53 -23.29 8.33
CA LYS A 360 -12.72 -21.97 7.72
C LYS A 360 -12.71 -22.06 6.20
N LEU A 361 -11.79 -22.84 5.65
CA LEU A 361 -11.69 -22.99 4.20
C LEU A 361 -12.86 -23.78 3.63
N CYS A 362 -13.33 -24.81 4.36
CA CYS A 362 -14.42 -25.65 3.87
C CYS A 362 -15.78 -24.98 3.99
N ASP A 363 -15.91 -23.93 4.80
CA ASP A 363 -17.18 -23.25 5.00
C ASP A 363 -17.33 -21.99 4.17
N SER A 364 -16.39 -21.71 3.28
CA SER A 364 -16.48 -20.52 2.44
C SER A 364 -17.06 -20.87 1.07
N HIS A 365 -17.68 -19.87 0.44
CA HIS A 365 -18.24 -20.06 -0.89
C HIS A 365 -17.17 -20.09 -1.96
N GLY A 366 -16.08 -19.33 -1.77
CA GLY A 366 -15.02 -19.26 -2.74
C GLY A 366 -13.67 -19.10 -2.08
N ILE A 367 -12.62 -19.35 -2.85
CA ILE A 367 -11.25 -19.31 -2.38
C ILE A 367 -10.46 -18.39 -3.31
N LEU A 368 -9.61 -17.55 -2.72
CA LEU A 368 -8.71 -16.69 -3.47
C LEU A 368 -7.28 -16.93 -3.01
N VAL A 369 -6.41 -17.29 -3.93
CA VAL A 369 -5.00 -17.50 -3.62
C VAL A 369 -4.20 -16.35 -4.24
N PRO A 370 -3.73 -15.40 -3.43
CA PRO A 370 -3.08 -14.21 -4.02
C PRO A 370 -1.62 -14.46 -4.34
N GLY A 371 -0.94 -13.42 -4.79
CA GLY A 371 0.48 -13.51 -5.09
C GLY A 371 1.33 -13.46 -3.83
N GLY A 372 2.63 -13.46 -4.04
CA GLY A 372 3.57 -13.40 -2.95
C GLY A 372 4.95 -13.78 -3.41
N PHE A 373 5.87 -13.74 -2.45
CA PHE A 373 7.27 -14.07 -2.71
C PHE A 373 7.77 -15.00 -1.60
N GLY A 374 8.85 -15.72 -1.91
CA GLY A 374 9.41 -16.66 -0.97
C GLY A 374 8.78 -18.03 -1.06
N SER A 375 9.24 -18.91 -0.18
CA SER A 375 8.75 -20.28 -0.14
C SER A 375 7.84 -20.58 1.04
N ARG A 376 7.80 -19.70 2.03
CA ARG A 376 6.93 -19.92 3.19
C ARG A 376 5.47 -19.81 2.79
N GLY A 377 4.68 -20.80 3.18
CA GLY A 377 3.25 -20.82 2.89
C GLY A 377 2.88 -21.33 1.51
N MET A 378 3.85 -21.67 0.67
CA MET A 378 3.53 -22.14 -0.68
C MET A 378 2.81 -23.48 -0.65
N GLU A 379 3.23 -24.39 0.24
CA GLU A 379 2.57 -25.68 0.35
C GLU A 379 1.13 -25.52 0.80
N GLY A 380 0.84 -24.54 1.66
CA GLY A 380 -0.54 -24.27 2.02
C GLY A 380 -1.37 -23.83 0.83
N LYS A 381 -0.79 -23.00 -0.04
CA LYS A 381 -1.49 -22.59 -1.26
C LYS A 381 -1.74 -23.79 -2.17
N ILE A 382 -0.76 -24.68 -2.30
CA ILE A 382 -0.94 -25.86 -3.13
C ILE A 382 -2.02 -26.77 -2.56
N ARG A 383 -2.04 -26.95 -1.23
CA ARG A 383 -3.09 -27.77 -0.61
C ARG A 383 -4.47 -27.14 -0.79
N ALA A 384 -4.56 -25.82 -0.67
CA ALA A 384 -5.82 -25.14 -0.90
C ALA A 384 -6.28 -25.32 -2.34
N CYS A 385 -5.36 -25.21 -3.30
CA CYS A 385 -5.71 -25.42 -4.70
C CYS A 385 -6.19 -26.84 -4.94
N GLN A 386 -5.52 -27.82 -4.33
CA GLN A 386 -5.92 -29.21 -4.49
C GLN A 386 -7.33 -29.44 -3.94
N TRP A 387 -7.61 -28.90 -2.75
CA TRP A 387 -8.94 -29.06 -2.18
C TRP A 387 -9.99 -28.37 -3.04
N ALA A 388 -9.70 -27.17 -3.54
CA ALA A 388 -10.65 -26.45 -4.37
C ALA A 388 -10.95 -27.20 -5.65
N ARG A 389 -9.92 -27.77 -6.28
CA ARG A 389 -10.13 -28.50 -7.53
C ARG A 389 -10.86 -29.81 -7.29
N GLU A 390 -10.57 -30.50 -6.18
CA GLU A 390 -11.21 -31.78 -5.92
C GLU A 390 -12.67 -31.60 -5.51
N ASN A 391 -12.98 -30.57 -4.74
CA ASN A 391 -14.33 -30.38 -4.21
C ASN A 391 -15.16 -29.38 -5.01
N GLN A 392 -14.72 -29.01 -6.20
CA GLN A 392 -15.46 -28.12 -7.10
C GLN A 392 -15.70 -26.74 -6.48
N LYS A 393 -14.83 -26.34 -5.56
CA LYS A 393 -14.91 -25.03 -4.93
C LYS A 393 -14.23 -23.98 -5.80
N PRO A 394 -14.91 -22.89 -6.14
CA PRO A 394 -14.30 -21.87 -6.99
C PRO A 394 -13.00 -21.34 -6.40
N LEU A 395 -12.01 -21.13 -7.27
CA LEU A 395 -10.71 -20.63 -6.86
C LEU A 395 -10.18 -19.65 -7.89
N LEU A 396 -9.60 -18.55 -7.42
CA LEU A 396 -8.97 -17.56 -8.27
C LEU A 396 -7.55 -17.31 -7.76
N GLY A 397 -6.56 -17.87 -8.44
CA GLY A 397 -5.17 -17.73 -8.08
C GLY A 397 -4.51 -16.62 -8.88
N ILE A 398 -3.67 -15.83 -8.22
CA ILE A 398 -3.02 -14.68 -8.83
C ILE A 398 -1.52 -14.86 -8.74
N CYS A 399 -0.84 -14.83 -9.89
CA CYS A 399 0.62 -14.84 -9.96
C CYS A 399 1.20 -16.07 -9.28
N LEU A 400 1.49 -15.96 -7.98
CA LEU A 400 1.96 -17.11 -7.22
C LEU A 400 0.89 -18.18 -7.09
N GLY A 401 -0.39 -17.82 -7.23
CA GLY A 401 -1.44 -18.82 -7.23
C GLY A 401 -1.50 -19.62 -8.51
N LEU A 402 -1.16 -19.01 -9.65
CA LEU A 402 -1.08 -19.76 -10.90
C LEU A 402 0.01 -20.81 -10.84
N GLN A 403 1.17 -20.44 -10.29
CA GLN A 403 2.26 -21.40 -10.15
C GLN A 403 1.86 -22.54 -9.22
N ALA A 404 1.17 -22.22 -8.12
CA ALA A 404 0.71 -23.26 -7.20
C ALA A 404 -0.29 -24.18 -7.87
N ALA A 405 -1.21 -23.62 -8.67
CA ALA A 405 -2.18 -24.45 -9.39
C ALA A 405 -1.49 -25.37 -10.39
N VAL A 406 -0.52 -24.85 -11.13
CA VAL A 406 0.21 -25.65 -12.10
C VAL A 406 0.99 -26.75 -11.40
N ILE A 407 1.64 -26.43 -10.27
CA ILE A 407 2.39 -27.43 -9.53
C ILE A 407 1.47 -28.53 -9.01
N GLU A 408 0.32 -28.15 -8.46
CA GLU A 408 -0.61 -29.14 -7.94
C GLU A 408 -1.14 -30.04 -9.05
N PHE A 409 -1.49 -29.44 -10.19
CA PHE A 409 -1.99 -30.23 -11.31
C PHE A 409 -0.95 -31.21 -11.81
N ALA A 410 0.30 -30.76 -11.93
CA ALA A 410 1.36 -31.64 -12.41
C ALA A 410 1.65 -32.75 -11.40
N ARG A 411 1.67 -32.41 -10.11
CA ARG A 411 1.97 -33.41 -9.08
C ARG A 411 0.88 -34.47 -8.99
N ASN A 412 -0.39 -34.07 -9.11
CA ASN A 412 -1.47 -35.02 -8.94
C ASN A 412 -1.83 -35.72 -10.24
N LYS A 413 -2.26 -34.95 -11.25
CA LYS A 413 -2.78 -35.56 -12.48
C LYS A 413 -1.67 -36.23 -13.28
N LEU A 414 -0.52 -35.56 -13.44
CA LEU A 414 0.58 -36.12 -14.22
C LEU A 414 1.44 -37.09 -13.43
N GLY A 415 1.33 -37.11 -12.10
CA GLY A 415 2.10 -38.01 -11.28
C GLY A 415 3.51 -37.56 -10.96
N LEU A 416 3.92 -36.40 -11.45
CA LEU A 416 5.26 -35.88 -11.17
C LEU A 416 5.33 -35.35 -9.75
N LYS A 417 5.61 -36.22 -8.78
CA LYS A 417 5.61 -35.83 -7.38
C LYS A 417 6.75 -34.88 -7.04
N ASP A 418 7.75 -34.76 -7.91
CA ASP A 418 8.89 -33.88 -7.68
C ASP A 418 8.72 -32.51 -8.34
N ALA A 419 7.54 -32.24 -8.92
CA ALA A 419 7.30 -30.95 -9.55
C ALA A 419 7.41 -29.82 -8.53
N ASN A 420 8.08 -28.75 -8.90
CA ASN A 420 8.31 -27.63 -8.00
C ASN A 420 8.75 -26.42 -8.80
N THR A 421 8.87 -25.29 -8.11
CA THR A 421 9.33 -24.06 -8.73
C THR A 421 10.82 -23.86 -8.45
N THR A 422 11.55 -23.39 -9.46
CA THR A 422 12.97 -23.08 -9.29
C THR A 422 13.17 -22.01 -8.22
N GLU A 423 12.17 -21.14 -8.01
CA GLU A 423 12.22 -20.19 -6.92
C GLU A 423 12.36 -20.87 -5.57
N ILE A 424 11.81 -22.07 -5.43
CA ILE A 424 11.83 -22.80 -4.17
C ILE A 424 12.81 -23.98 -4.21
N ASP A 425 12.81 -24.74 -5.30
CA ASP A 425 13.67 -25.91 -5.45
C ASP A 425 14.45 -25.79 -6.75
N PRO A 426 15.62 -25.14 -6.71
CA PRO A 426 16.42 -25.00 -7.94
C PRO A 426 16.84 -26.33 -8.53
N ASN A 427 17.07 -27.35 -7.71
CA ASN A 427 17.48 -28.67 -8.16
C ASN A 427 16.23 -29.53 -8.29
N THR A 428 15.46 -29.29 -9.35
CA THR A 428 14.19 -29.95 -9.58
C THR A 428 14.30 -30.88 -10.77
N ALA A 429 13.80 -32.12 -10.61
CA ALA A 429 13.76 -33.05 -11.73
C ALA A 429 12.77 -32.60 -12.79
N ASN A 430 11.62 -32.06 -12.37
CA ASN A 430 10.58 -31.57 -13.27
C ASN A 430 10.23 -30.14 -12.85
N ALA A 431 10.98 -29.18 -13.38
CA ALA A 431 10.79 -27.76 -13.03
C ALA A 431 9.59 -27.23 -13.78
N LEU A 432 8.43 -27.27 -13.14
CA LEU A 432 7.19 -26.82 -13.78
C LEU A 432 7.17 -25.31 -13.95
N VAL A 433 7.79 -24.56 -13.04
CA VAL A 433 7.86 -23.11 -13.11
C VAL A 433 9.33 -22.73 -13.03
N ILE A 434 9.81 -22.03 -14.05
CA ILE A 434 11.22 -21.67 -14.16
C ILE A 434 11.36 -20.16 -14.16
N ASP A 435 12.59 -19.70 -13.91
CA ASP A 435 12.88 -18.28 -13.90
C ASP A 435 13.00 -17.74 -15.33
N MET A 436 12.54 -16.51 -15.51
CA MET A 436 12.69 -15.84 -16.79
C MET A 436 14.13 -15.37 -16.96
N PRO A 437 14.80 -15.73 -18.05
CA PRO A 437 16.26 -15.54 -18.12
C PRO A 437 16.71 -14.09 -18.00
N GLU A 438 15.92 -13.12 -18.46
CA GLU A 438 16.36 -11.74 -18.51
C GLU A 438 16.01 -10.96 -17.25
N HIS A 439 15.47 -11.61 -16.21
CA HIS A 439 15.09 -10.92 -14.98
C HIS A 439 15.85 -11.45 -13.78
N HIS A 440 17.02 -12.04 -13.98
CA HIS A 440 17.86 -12.58 -12.91
C HIS A 440 19.30 -12.14 -13.09
N THR A 441 19.49 -10.83 -13.29
CA THR A 441 20.81 -10.25 -13.47
C THR A 441 21.49 -9.92 -12.14
N GLY A 442 21.01 -10.47 -11.03
CA GLY A 442 21.62 -10.19 -9.74
C GLY A 442 21.39 -8.79 -9.23
N GLN A 443 20.35 -8.11 -9.73
CA GLN A 443 20.07 -6.71 -9.36
C GLN A 443 18.59 -6.62 -9.01
N LEU A 444 18.28 -6.83 -7.74
CA LEU A 444 16.90 -6.78 -7.28
C LEU A 444 16.42 -5.34 -7.17
N GLY A 445 15.23 -5.08 -7.70
CA GLY A 445 14.70 -3.73 -7.70
C GLY A 445 14.59 -3.14 -9.09
N GLY A 446 13.38 -3.11 -9.63
CA GLY A 446 13.16 -2.65 -10.98
C GLY A 446 13.76 -3.54 -12.04
N THR A 447 13.62 -4.87 -11.90
CA THR A 447 14.19 -5.80 -12.86
C THR A 447 13.27 -6.96 -13.20
N MET A 448 11.99 -6.90 -12.85
CA MET A 448 11.04 -7.95 -13.21
C MET A 448 10.23 -7.51 -14.42
N ARG A 449 9.25 -8.34 -14.79
CA ARG A 449 8.24 -7.94 -15.78
C ARG A 449 7.24 -7.04 -15.08
N LEU A 450 7.47 -5.74 -15.16
CA LEU A 450 6.69 -4.77 -14.40
C LEU A 450 5.81 -3.94 -15.32
N GLY A 451 4.54 -3.78 -14.92
CA GLY A 451 3.65 -2.88 -15.61
C GLY A 451 2.84 -3.53 -16.71
N LYS A 452 2.23 -2.67 -17.51
CA LYS A 452 1.31 -3.11 -18.56
C LYS A 452 2.01 -3.99 -19.59
N ARG A 453 1.33 -5.05 -19.99
CA ARG A 453 1.81 -5.95 -21.03
C ARG A 453 0.67 -6.26 -21.98
N ILE A 454 0.85 -7.25 -22.86
CA ILE A 454 -0.19 -7.70 -23.77
C ILE A 454 -0.38 -9.20 -23.56
N THR A 455 -1.62 -9.60 -23.30
CA THR A 455 -1.98 -10.99 -23.13
C THR A 455 -2.98 -11.38 -24.22
N VAL A 456 -2.69 -12.47 -24.92
CA VAL A 456 -3.46 -12.88 -26.09
C VAL A 456 -4.33 -14.07 -25.71
N PHE A 457 -5.62 -14.00 -26.05
CA PHE A 457 -6.52 -15.12 -25.84
C PHE A 457 -6.32 -16.18 -26.92
N SER A 458 -6.23 -17.44 -26.50
CA SER A 458 -6.06 -18.53 -27.44
C SER A 458 -7.34 -18.75 -28.23
N ASP A 459 -7.21 -19.46 -29.35
CA ASP A 459 -8.35 -19.78 -30.22
C ASP A 459 -9.11 -20.94 -29.60
N GLY A 460 -10.22 -20.62 -28.94
CA GLY A 460 -11.03 -21.63 -28.28
C GLY A 460 -11.98 -21.02 -27.26
N PRO A 461 -13.18 -21.60 -27.15
CA PRO A 461 -14.17 -21.06 -26.21
C PRO A 461 -13.73 -21.18 -24.76
N SER A 462 -13.51 -20.04 -24.11
CA SER A 462 -13.14 -19.99 -22.71
C SER A 462 -14.02 -18.96 -22.00
N VAL A 463 -14.49 -19.30 -20.80
CA VAL A 463 -15.40 -18.41 -20.10
C VAL A 463 -14.65 -17.22 -19.50
N ILE A 464 -13.35 -17.36 -19.24
CA ILE A 464 -12.57 -16.22 -18.78
C ILE A 464 -12.45 -15.19 -19.90
N ARG A 465 -12.36 -15.64 -21.15
CA ARG A 465 -12.40 -14.71 -22.28
C ARG A 465 -13.73 -13.98 -22.33
N GLN A 466 -14.83 -14.68 -22.10
CA GLN A 466 -16.15 -14.05 -22.12
C GLN A 466 -16.31 -13.06 -20.98
N LEU A 467 -15.70 -13.35 -19.82
CA LEU A 467 -15.79 -12.43 -18.68
C LEU A 467 -15.18 -11.08 -19.01
N TYR A 468 -14.02 -11.08 -19.69
CA TYR A 468 -13.38 -9.82 -20.05
C TYR A 468 -14.15 -9.07 -21.13
N GLY A 469 -15.05 -9.74 -21.84
CA GLY A 469 -15.87 -9.06 -22.83
C GLY A 469 -15.69 -9.60 -24.24
N ASN A 470 -15.28 -10.85 -24.34
CA ASN A 470 -14.99 -11.49 -25.62
C ASN A 470 -14.03 -10.67 -26.49
N PRO A 471 -12.84 -10.33 -25.97
CA PRO A 471 -11.86 -9.60 -26.79
C PRO A 471 -10.93 -10.55 -27.52
N LYS A 472 -9.92 -10.00 -28.20
CA LYS A 472 -8.82 -10.80 -28.72
C LYS A 472 -7.59 -10.74 -27.82
N SER A 473 -7.38 -9.62 -27.14
CA SER A 473 -6.25 -9.47 -26.24
C SER A 473 -6.60 -8.42 -25.18
N VAL A 474 -5.90 -8.49 -24.04
CA VAL A 474 -6.09 -7.55 -22.96
C VAL A 474 -4.72 -7.10 -22.45
N GLN A 475 -4.71 -5.93 -21.80
CA GLN A 475 -3.49 -5.35 -21.26
C GLN A 475 -3.60 -5.30 -19.74
N GLU A 476 -2.65 -5.92 -19.06
CA GLU A 476 -2.67 -6.05 -17.60
C GLU A 476 -1.27 -5.86 -17.05
N ARG A 477 -1.20 -5.54 -15.76
CA ARG A 477 0.06 -5.21 -15.09
C ARG A 477 0.64 -6.45 -14.42
N HIS A 478 1.93 -6.68 -14.63
CA HIS A 478 2.64 -7.83 -14.09
C HIS A 478 3.67 -7.38 -13.06
N ARG A 479 3.92 -8.24 -12.08
CA ARG A 479 5.01 -8.05 -11.13
C ARG A 479 5.69 -9.37 -10.81
N HIS A 480 5.97 -10.19 -11.83
CA HIS A 480 6.50 -11.52 -11.59
C HIS A 480 7.91 -11.67 -12.15
N ARG A 481 8.60 -12.69 -11.67
CA ARG A 481 9.96 -12.99 -12.10
C ARG A 481 10.12 -14.42 -12.60
N TYR A 482 9.16 -15.29 -12.35
CA TYR A 482 9.22 -16.70 -12.76
C TYR A 482 8.06 -16.99 -13.71
N GLU A 483 8.24 -18.03 -14.53
CA GLU A 483 7.28 -18.35 -15.56
C GLU A 483 7.10 -19.86 -15.65
N VAL A 484 6.02 -20.26 -16.34
CA VAL A 484 5.71 -21.67 -16.53
C VAL A 484 6.61 -22.25 -17.62
N ASN A 485 7.07 -23.49 -17.44
CA ASN A 485 7.91 -24.18 -18.44
C ASN A 485 7.16 -24.86 -19.60
N PRO A 486 7.46 -24.47 -20.86
CA PRO A 486 6.77 -25.00 -22.06
C PRO A 486 6.40 -26.48 -22.24
N LYS A 487 7.29 -27.42 -21.98
CA LYS A 487 6.94 -28.83 -22.25
C LYS A 487 5.89 -29.31 -21.27
N TYR A 488 6.07 -28.90 -20.02
CA TYR A 488 5.11 -29.28 -19.01
C TYR A 488 3.84 -28.61 -19.43
N VAL A 489 3.93 -27.36 -19.87
CA VAL A 489 2.75 -26.68 -20.39
C VAL A 489 2.01 -27.61 -21.32
N HIS A 490 2.64 -27.99 -22.43
CA HIS A 490 2.03 -28.93 -23.38
C HIS A 490 1.37 -30.14 -22.72
N LEU A 491 2.13 -30.93 -21.95
CA LEU A 491 1.57 -32.12 -21.31
C LEU A 491 0.30 -31.83 -20.51
N LEU A 492 0.36 -30.81 -19.67
CA LEU A 492 -0.78 -30.46 -18.83
C LEU A 492 -1.97 -30.08 -19.66
N GLU A 493 -1.74 -29.24 -20.66
CA GLU A 493 -2.81 -28.85 -21.56
C GLU A 493 -3.47 -30.09 -22.10
N GLU A 494 -2.68 -31.00 -22.63
CA GLU A 494 -3.26 -32.26 -23.09
C GLU A 494 -4.15 -32.85 -22.01
N GLN A 495 -3.57 -33.24 -20.87
CA GLN A 495 -4.35 -33.84 -19.77
C GLN A 495 -5.75 -33.26 -19.54
N GLY A 496 -5.90 -32.26 -18.66
CA GLY A 496 -7.17 -31.64 -18.37
C GLY A 496 -7.19 -30.13 -18.38
N MET A 497 -6.04 -29.51 -18.65
CA MET A 497 -5.93 -28.07 -18.46
C MET A 497 -5.91 -27.36 -19.82
N ARG A 498 -6.28 -26.08 -19.79
CA ARG A 498 -6.31 -25.26 -21.00
C ARG A 498 -5.62 -23.94 -20.71
N PHE A 499 -4.39 -23.79 -21.19
CA PHE A 499 -3.66 -22.53 -21.11
C PHE A 499 -4.28 -21.59 -22.14
N VAL A 500 -5.18 -20.71 -21.69
CA VAL A 500 -5.94 -19.86 -22.59
C VAL A 500 -5.41 -18.44 -22.63
N GLY A 501 -4.30 -18.16 -21.95
CA GLY A 501 -3.74 -16.83 -21.96
C GLY A 501 -2.25 -16.84 -22.21
N THR A 502 -1.83 -16.23 -23.32
CA THR A 502 -0.44 -16.16 -23.71
C THR A 502 -0.11 -14.75 -24.15
N ASP A 503 1.15 -14.51 -24.48
CA ASP A 503 1.58 -13.25 -25.05
C ASP A 503 1.68 -13.37 -26.57
N VAL A 504 2.16 -12.30 -27.21
CA VAL A 504 2.22 -12.26 -28.67
C VAL A 504 3.15 -13.34 -29.20
N ASP A 505 4.27 -13.56 -28.51
CA ASP A 505 5.21 -14.59 -28.92
C ASP A 505 4.67 -16.00 -28.72
N LYS A 506 3.55 -16.16 -28.01
CA LYS A 506 2.94 -17.47 -27.75
C LYS A 506 3.89 -18.43 -27.06
N THR A 507 4.71 -17.91 -26.14
CA THR A 507 5.62 -18.71 -25.35
C THR A 507 5.37 -18.59 -23.86
N ARG A 508 5.08 -17.39 -23.36
CA ARG A 508 4.83 -17.16 -21.94
C ARG A 508 3.34 -17.28 -21.68
N MET A 509 2.95 -18.34 -20.95
CA MET A 509 1.56 -18.57 -20.62
C MET A 509 1.15 -17.71 -19.43
N GLU A 510 -0.05 -17.15 -19.49
CA GLU A 510 -0.48 -16.21 -18.46
C GLU A 510 -1.77 -16.63 -17.77
N ILE A 511 -2.70 -17.25 -18.51
CA ILE A 511 -3.99 -17.61 -17.97
C ILE A 511 -4.22 -19.10 -18.20
N ILE A 512 -4.72 -19.78 -17.17
CA ILE A 512 -5.08 -21.19 -17.25
C ILE A 512 -6.56 -21.33 -16.86
N GLU A 513 -7.19 -22.36 -17.41
CA GLU A 513 -8.55 -22.73 -17.04
C GLU A 513 -8.70 -24.24 -17.15
N LEU A 514 -9.62 -24.79 -16.36
CA LEU A 514 -9.79 -26.23 -16.23
C LEU A 514 -11.11 -26.64 -16.85
N SER A 515 -11.06 -27.71 -17.65
CA SER A 515 -12.29 -28.37 -18.07
C SER A 515 -12.92 -29.09 -16.89
N GLY A 516 -14.25 -29.22 -16.93
CA GLY A 516 -14.92 -29.81 -15.78
C GLY A 516 -15.32 -28.77 -14.76
N HIS A 517 -14.45 -28.54 -13.77
CA HIS A 517 -14.62 -27.62 -12.65
C HIS A 517 -15.33 -26.34 -13.08
N PRO A 518 -16.31 -25.88 -12.30
CA PRO A 518 -17.05 -24.66 -12.70
C PRO A 518 -16.16 -23.45 -12.88
N TYR A 519 -15.38 -23.07 -11.86
CA TYR A 519 -14.52 -21.90 -11.95
C TYR A 519 -13.19 -22.21 -11.26
N PHE A 520 -12.16 -22.43 -12.07
CA PHE A 520 -10.79 -22.59 -11.57
C PHE A 520 -9.90 -21.77 -12.50
N VAL A 521 -9.71 -20.50 -12.15
CA VAL A 521 -9.00 -19.55 -12.98
C VAL A 521 -7.77 -19.06 -12.24
N ALA A 522 -6.62 -19.10 -12.90
CA ALA A 522 -5.38 -18.59 -12.35
C ALA A 522 -4.68 -17.71 -13.38
N THR A 523 -4.14 -16.59 -12.92
CA THR A 523 -3.51 -15.60 -13.80
C THR A 523 -2.08 -15.34 -13.35
N GLN A 524 -1.27 -14.86 -14.30
CA GLN A 524 0.10 -14.47 -14.01
C GLN A 524 0.21 -12.99 -13.63
N TYR A 525 -0.73 -12.16 -14.05
CA TYR A 525 -0.73 -10.75 -13.73
C TYR A 525 -1.59 -10.49 -12.49
N HIS A 526 -1.58 -9.23 -12.04
CA HIS A 526 -2.39 -8.81 -10.90
C HIS A 526 -3.63 -8.08 -11.40
N PRO A 527 -4.81 -8.69 -11.32
CA PRO A 527 -6.03 -7.99 -11.77
C PRO A 527 -6.52 -6.94 -10.79
N GLU A 528 -6.02 -6.93 -9.55
CA GLU A 528 -6.54 -6.00 -8.55
C GLU A 528 -6.05 -4.58 -8.79
N TYR A 529 -4.91 -4.41 -9.45
CA TYR A 529 -4.36 -3.08 -9.68
C TYR A 529 -5.22 -2.23 -10.62
N LEU A 530 -6.06 -2.87 -11.43
CA LEU A 530 -6.89 -2.17 -12.40
C LEU A 530 -8.35 -2.09 -11.97
N SER A 531 -8.65 -2.45 -10.72
CA SER A 531 -10.00 -2.46 -10.21
C SER A 531 -10.35 -1.09 -9.65
N ARG A 532 -11.52 -0.59 -10.04
CA ARG A 532 -12.03 0.70 -9.62
C ARG A 532 -13.43 0.53 -9.05
N PRO A 533 -13.88 1.44 -8.18
CA PRO A 533 -15.16 1.21 -7.47
C PRO A 533 -16.33 0.94 -8.39
N LEU A 534 -16.40 1.59 -9.55
CA LEU A 534 -17.44 1.32 -10.54
C LEU A 534 -16.97 0.39 -11.65
N LYS A 535 -15.73 -0.09 -11.57
CA LYS A 535 -15.15 -0.97 -12.60
C LYS A 535 -14.51 -2.17 -11.91
N PRO A 536 -15.31 -3.14 -11.48
CA PRO A 536 -14.74 -4.33 -10.84
C PRO A 536 -13.91 -5.15 -11.82
N SER A 537 -12.87 -5.79 -11.29
CA SER A 537 -11.99 -6.60 -12.11
C SER A 537 -12.72 -7.87 -12.57
N PRO A 538 -12.66 -8.21 -13.86
CA PRO A 538 -13.45 -9.34 -14.38
C PRO A 538 -13.13 -10.66 -13.69
N PRO A 539 -11.86 -10.97 -13.38
CA PRO A 539 -11.62 -12.24 -12.65
C PRO A 539 -12.29 -12.30 -11.30
N PHE A 540 -12.20 -11.21 -10.51
CA PHE A 540 -12.84 -11.19 -9.20
C PHE A 540 -14.36 -11.28 -9.33
N LEU A 541 -14.92 -10.60 -10.32
CA LEU A 541 -16.36 -10.65 -10.54
C LEU A 541 -16.81 -12.06 -10.90
N GLY A 542 -16.04 -12.74 -11.75
CA GLY A 542 -16.36 -14.13 -12.08
C GLY A 542 -16.24 -15.05 -10.88
N LEU A 543 -15.21 -14.85 -10.05
CA LEU A 543 -15.06 -15.64 -8.84
C LEU A 543 -16.26 -15.44 -7.91
N ILE A 544 -16.69 -14.20 -7.73
CA ILE A 544 -17.83 -13.92 -6.86
C ILE A 544 -19.09 -14.57 -7.40
N LEU A 545 -19.32 -14.43 -8.72
CA LEU A 545 -20.52 -15.01 -9.31
C LEU A 545 -20.53 -16.53 -9.18
N ALA A 546 -19.38 -17.18 -9.39
CA ALA A 546 -19.30 -18.62 -9.23
C ALA A 546 -19.50 -19.02 -7.78
N SER A 547 -19.00 -18.19 -6.84
CA SER A 547 -19.19 -18.47 -5.43
C SER A 547 -20.66 -18.42 -5.03
N VAL A 548 -21.40 -17.46 -5.59
CA VAL A 548 -22.82 -17.31 -5.25
C VAL A 548 -23.68 -18.01 -6.28
N ASP A 549 -23.06 -18.85 -7.10
CA ASP A 549 -23.77 -19.71 -8.06
C ASP A 549 -24.63 -18.90 -9.01
N ARG A 550 -24.10 -17.77 -9.50
CA ARG A 550 -24.82 -16.92 -10.43
C ARG A 550 -24.03 -16.65 -11.71
N LEU A 551 -23.00 -17.45 -11.97
CA LEU A 551 -22.17 -17.22 -13.16
C LEU A 551 -22.91 -17.63 -14.43
N ASN A 552 -23.62 -18.75 -14.39
CA ASN A 552 -24.33 -19.23 -15.57
C ASN A 552 -25.41 -18.24 -16.01
N GLN A 553 -26.13 -17.65 -15.04
CA GLN A 553 -27.13 -16.65 -15.37
C GLN A 553 -26.48 -15.41 -16.00
N TYR A 554 -25.33 -15.00 -15.48
CA TYR A 554 -24.65 -13.82 -16.00
C TYR A 554 -24.09 -14.07 -17.40
N ILE A 555 -23.75 -15.32 -17.72
CA ILE A 555 -23.27 -15.63 -19.06
C ILE A 555 -24.34 -15.33 -20.09
N GLN A 556 -25.58 -15.72 -19.81
CA GLN A 556 -26.68 -15.44 -20.73
C GLN A 556 -27.44 -14.20 -20.28
N ALA B 187 -8.10 0.56 12.80
CA ALA B 187 -7.84 1.07 11.45
C ALA B 187 -6.42 0.71 11.01
N THR B 188 -5.44 1.15 11.80
CA THR B 188 -4.05 0.81 11.50
C THR B 188 -3.78 -0.66 11.74
N GLY B 189 -4.41 -1.25 12.75
CA GLY B 189 -4.31 -2.67 13.00
C GLY B 189 -2.95 -3.16 13.43
N GLU B 190 -2.23 -2.37 14.23
CA GLU B 190 -0.90 -2.74 14.71
C GLU B 190 -0.46 -1.77 15.81
N PRO B 191 0.30 -2.23 16.79
CA PRO B 191 0.86 -1.30 17.79
C PRO B 191 1.88 -0.38 17.16
N LYS B 192 1.82 0.90 17.51
CA LYS B 192 2.67 1.92 16.94
C LYS B 192 3.71 2.35 17.97
N THR B 193 4.98 2.35 17.55
CA THR B 193 6.09 2.69 18.43
C THR B 193 6.62 4.09 18.20
N LYS B 194 6.07 4.82 17.22
CA LYS B 194 6.60 6.15 16.90
C LYS B 194 6.45 7.15 18.04
N PRO B 195 5.30 7.27 18.73
CA PRO B 195 5.24 8.24 19.83
C PRO B 195 6.26 7.99 20.92
N THR B 196 6.54 6.73 21.23
CA THR B 196 7.55 6.43 22.23
C THR B 196 8.94 6.83 21.75
N GLN B 197 9.23 6.61 20.46
CA GLN B 197 10.49 7.06 19.89
C GLN B 197 10.64 8.57 20.00
N SER B 198 9.57 9.31 19.68
CA SER B 198 9.61 10.76 19.78
C SER B 198 9.80 11.22 21.23
N SER B 199 9.11 10.57 22.18
CA SER B 199 9.26 10.94 23.58
C SER B 199 10.68 10.68 24.06
N VAL B 200 11.26 9.55 23.67
CA VAL B 200 12.64 9.24 24.05
C VAL B 200 13.60 10.25 23.43
N ARG B 201 13.37 10.63 22.16
CA ARG B 201 14.21 11.63 21.53
C ARG B 201 14.13 12.96 22.26
N GLU B 202 12.92 13.38 22.66
CA GLU B 202 12.77 14.62 23.40
C GLU B 202 13.48 14.55 24.75
N LEU B 203 13.34 13.43 25.46
CA LEU B 203 13.99 13.29 26.75
C LEU B 203 15.51 13.32 26.62
N ARG B 204 16.05 12.70 25.56
CA ARG B 204 17.50 12.72 25.35
C ARG B 204 17.97 14.10 24.91
N GLY B 205 17.20 14.80 24.09
CA GLY B 205 17.53 16.17 23.75
C GLY B 205 17.45 17.11 24.93
N CYS B 206 16.68 16.73 25.95
CA CYS B 206 16.66 17.45 27.21
C CYS B 206 17.84 17.09 28.10
N GLY B 207 18.57 16.02 27.78
CA GLY B 207 19.76 15.63 28.51
C GLY B 207 19.64 14.35 29.31
N LEU B 208 18.49 13.67 29.26
CA LEU B 208 18.26 12.47 30.04
C LEU B 208 18.07 11.27 29.13
N SER B 209 18.83 10.21 29.38
CA SER B 209 18.68 8.97 28.63
C SER B 209 17.94 7.96 29.49
N PRO B 210 16.81 7.41 29.04
CA PRO B 210 16.08 6.45 29.87
C PRO B 210 16.92 5.21 30.17
N ASP B 211 16.80 4.72 31.40
CA ASP B 211 17.37 3.44 31.78
C ASP B 211 16.38 2.30 31.71
N LEU B 212 15.09 2.60 31.88
CA LEU B 212 14.00 1.69 31.56
C LEU B 212 12.97 2.46 30.75
N ILE B 213 12.22 1.75 29.93
CA ILE B 213 11.12 2.32 29.17
C ILE B 213 9.88 1.49 29.47
N VAL B 214 8.89 2.13 30.08
CA VAL B 214 7.62 1.47 30.41
C VAL B 214 6.65 1.76 29.28
N CYS B 215 6.17 0.71 28.63
CA CYS B 215 5.24 0.83 27.51
C CYS B 215 3.84 0.49 28.01
N ARG B 216 2.94 1.46 27.93
CA ARG B 216 1.57 1.28 28.37
C ARG B 216 0.69 0.99 27.15
N SER B 217 -0.01 -0.14 27.18
CA SER B 217 -0.86 -0.54 26.07
C SER B 217 -2.13 -1.18 26.61
N GLU B 218 -3.16 -1.19 25.77
CA GLU B 218 -4.41 -1.83 26.16
C GLU B 218 -4.30 -3.35 26.12
N LYS B 219 -3.61 -3.88 25.13
CA LYS B 219 -3.40 -5.30 24.93
C LYS B 219 -1.91 -5.57 24.82
N PRO B 220 -1.48 -6.79 25.15
CA PRO B 220 -0.04 -7.09 25.08
C PRO B 220 0.51 -6.93 23.67
N ILE B 221 1.73 -6.42 23.59
CA ILE B 221 2.40 -6.23 22.32
C ILE B 221 3.30 -7.44 22.05
N GLY B 222 3.63 -7.64 20.78
CA GLY B 222 4.41 -8.78 20.37
C GLY B 222 5.90 -8.59 20.59
N LEU B 223 6.66 -9.62 20.22
CA LEU B 223 8.11 -9.56 20.36
C LEU B 223 8.71 -8.53 19.40
N GLU B 224 8.17 -8.43 18.18
CA GLU B 224 8.71 -7.51 17.21
C GLU B 224 8.51 -6.06 17.64
N VAL B 225 7.41 -5.76 18.36
CA VAL B 225 7.18 -4.41 18.84
C VAL B 225 8.23 -4.01 19.86
N LYS B 226 8.52 -4.91 20.80
CA LYS B 226 9.59 -4.65 21.78
C LYS B 226 10.94 -4.53 21.10
N GLU B 227 11.20 -5.36 20.10
CA GLU B 227 12.47 -5.26 19.38
C GLU B 227 12.60 -3.93 18.66
N LYS B 228 11.52 -3.45 18.05
CA LYS B 228 11.55 -2.13 17.40
C LYS B 228 11.77 -1.03 18.43
N ILE B 229 11.12 -1.14 19.59
CA ILE B 229 11.31 -0.16 20.65
C ILE B 229 12.78 -0.11 21.08
N SER B 230 13.37 -1.29 21.26
CA SER B 230 14.78 -1.35 21.67
C SER B 230 15.70 -0.81 20.59
N ASN B 231 15.41 -1.10 19.33
CA ASN B 231 16.30 -0.68 18.25
C ASN B 231 16.22 0.82 17.99
N PHE B 232 15.03 1.41 18.09
CA PHE B 232 14.86 2.81 17.74
C PHE B 232 14.96 3.76 18.92
N CYS B 233 14.67 3.29 20.14
CA CYS B 233 14.90 4.09 21.34
C CYS B 233 16.24 3.82 21.97
N HIS B 234 17.04 2.91 21.39
CA HIS B 234 18.42 2.67 21.78
C HIS B 234 18.54 2.26 23.24
N VAL B 235 17.80 1.21 23.60
CA VAL B 235 17.92 0.53 24.88
C VAL B 235 18.01 -0.96 24.61
N GLY B 236 18.48 -1.70 25.61
CA GLY B 236 18.54 -3.13 25.51
C GLY B 236 17.16 -3.74 25.48
N PRO B 237 17.05 -4.98 24.98
CA PRO B 237 15.73 -5.63 24.95
C PRO B 237 15.12 -5.84 26.32
N ASP B 238 15.94 -5.97 27.35
CA ASP B 238 15.45 -6.16 28.72
C ASP B 238 15.19 -4.85 29.44
N GLN B 239 15.45 -3.72 28.81
CA GLN B 239 15.16 -2.41 29.38
C GLN B 239 13.82 -1.86 28.92
N VAL B 240 13.06 -2.63 28.15
CA VAL B 240 11.74 -2.24 27.67
C VAL B 240 10.73 -3.04 28.49
N ILE B 241 10.11 -2.38 29.46
CA ILE B 241 9.12 -2.99 30.31
C ILE B 241 7.74 -2.72 29.72
N CYS B 242 6.91 -3.75 29.61
CA CYS B 242 5.62 -3.67 28.94
C CYS B 242 4.51 -3.99 29.93
N ILE B 243 3.82 -2.96 30.39
CA ILE B 243 2.66 -3.10 31.26
C ILE B 243 1.43 -2.82 30.44
N HIS B 244 0.47 -3.75 30.45
CA HIS B 244 -0.79 -3.59 29.74
C HIS B 244 -1.92 -3.38 30.75
N ASP B 245 -3.14 -3.30 30.23
CA ASP B 245 -4.30 -3.06 31.08
C ASP B 245 -4.61 -4.29 31.92
N LEU B 246 -4.10 -4.31 33.15
CA LEU B 246 -4.25 -5.44 34.05
C LEU B 246 -5.72 -5.66 34.41
N THR C 90 29.08 13.00 2.97
CA THR C 90 27.63 12.90 2.80
C THR C 90 27.29 12.28 1.46
N GLY C 91 27.86 12.85 0.40
CA GLY C 91 27.61 12.33 -0.94
C GLY C 91 28.08 10.89 -1.10
N LYS C 92 29.28 10.59 -0.58
CA LYS C 92 29.79 9.23 -0.64
C LYS C 92 28.87 8.27 0.10
N ILE C 93 28.43 8.65 1.30
CA ILE C 93 27.61 7.78 2.12
C ILE C 93 26.27 7.50 1.43
N TYR C 94 25.63 8.57 0.93
CA TYR C 94 24.32 8.38 0.31
C TYR C 94 24.42 7.60 -1.00
N LYS C 95 25.46 7.87 -1.81
CA LYS C 95 25.66 7.10 -3.02
C LYS C 95 25.89 5.63 -2.70
N LEU C 96 26.70 5.34 -1.69
CA LEU C 96 26.97 3.96 -1.30
C LEU C 96 25.71 3.26 -0.85
N VAL C 97 24.88 3.93 -0.04
CA VAL C 97 23.67 3.31 0.48
C VAL C 97 22.66 3.09 -0.64
N ILE C 98 22.54 4.03 -1.57
CA ILE C 98 21.60 3.87 -2.68
C ILE C 98 22.04 2.72 -3.59
N GLU C 99 23.34 2.62 -3.88
CA GLU C 99 23.84 1.52 -4.69
C GLU C 99 23.65 0.18 -3.99
N LYS C 100 23.86 0.13 -2.67
CA LYS C 100 23.61 -1.10 -1.94
C LYS C 100 22.14 -1.49 -1.98
N GLU C 101 21.26 -0.51 -1.82
CA GLU C 101 19.82 -0.80 -1.81
C GLU C 101 19.36 -1.28 -3.18
N ARG C 102 19.93 -0.73 -4.26
CA ARG C 102 19.48 -1.11 -5.60
C ARG C 102 19.89 -2.52 -5.99
N THR C 103 20.73 -3.19 -5.21
CA THR C 103 21.13 -4.56 -5.51
C THR C 103 20.37 -5.59 -4.69
N GLY C 104 19.92 -5.24 -3.49
CA GLY C 104 19.18 -6.15 -2.65
C GLY C 104 19.83 -6.44 -1.32
N GLU C 105 20.75 -5.58 -0.87
CA GLU C 105 21.39 -5.77 0.42
C GLU C 105 20.45 -5.45 1.58
N TYR C 106 19.40 -4.68 1.34
CA TYR C 106 18.40 -4.39 2.36
C TYR C 106 17.04 -4.92 1.92
N LEU C 107 17.00 -6.13 1.40
CA LEU C 107 15.80 -6.64 0.75
C LEU C 107 14.69 -6.87 1.77
N GLY C 108 13.61 -6.10 1.65
CA GLY C 108 12.44 -6.28 2.48
C GLY C 108 12.22 -5.19 3.51
N LYS C 109 13.20 -4.32 3.75
CA LYS C 109 13.12 -3.34 4.81
C LYS C 109 13.20 -1.94 4.25
N THR C 110 12.67 -0.99 5.01
CA THR C 110 12.74 0.42 4.65
C THR C 110 14.11 0.99 5.03
N VAL C 111 14.78 1.58 4.05
CA VAL C 111 16.10 2.18 4.30
C VAL C 111 15.90 3.59 4.83
N GLN C 112 16.43 3.86 6.01
CA GLN C 112 16.25 5.12 6.70
C GLN C 112 17.61 5.75 7.00
N VAL C 113 17.59 6.84 7.75
CA VAL C 113 18.82 7.55 8.09
C VAL C 113 19.49 6.91 9.30
N VAL C 114 18.77 6.82 10.42
CA VAL C 114 19.37 6.34 11.67
C VAL C 114 19.81 4.89 11.58
N PRO C 115 19.00 3.94 11.08
CA PRO C 115 19.49 2.56 11.02
C PRO C 115 20.45 2.28 9.87
N HIS C 116 20.45 3.07 8.80
CA HIS C 116 21.19 2.70 7.60
C HIS C 116 22.29 3.69 7.25
N ILE C 117 21.97 4.99 7.18
CA ILE C 117 23.00 5.98 6.89
C ILE C 117 24.04 6.01 7.99
N THR C 118 23.59 6.01 9.25
CA THR C 118 24.52 6.03 10.37
C THR C 118 25.32 4.73 10.46
N ASP C 119 24.68 3.60 10.14
CA ASP C 119 25.41 2.34 10.09
C ASP C 119 26.48 2.37 9.01
N ALA C 120 26.17 2.95 7.85
CA ALA C 120 27.16 3.09 6.79
C ALA C 120 28.31 3.97 7.23
N ILE C 121 28.00 5.07 7.92
CA ILE C 121 29.05 5.97 8.43
C ILE C 121 29.95 5.24 9.41
N GLN C 122 29.35 4.49 10.34
CA GLN C 122 30.15 3.78 11.34
C GLN C 122 30.98 2.67 10.70
N GLU C 123 30.41 1.94 9.73
CA GLU C 123 31.18 0.92 9.02
C GLU C 123 32.31 1.53 8.22
N TRP C 124 32.08 2.69 7.61
CA TRP C 124 33.15 3.41 6.91
C TRP C 124 34.28 3.75 7.88
N VAL C 125 33.93 4.30 9.04
CA VAL C 125 34.94 4.66 10.02
C VAL C 125 35.71 3.44 10.49
N GLU C 126 35.00 2.33 10.71
CA GLU C 126 35.67 1.11 11.16
C GLU C 126 36.61 0.55 10.10
N ARG C 127 36.19 0.56 8.84
CA ARG C 127 37.04 -0.02 7.80
C ARG C 127 38.20 0.89 7.44
N VAL C 128 38.07 2.19 7.66
CA VAL C 128 39.15 3.11 7.32
C VAL C 128 40.15 3.25 8.47
N ALA C 129 39.68 3.27 9.71
CA ALA C 129 40.58 3.40 10.85
C ALA C 129 41.53 2.20 10.94
N GLN C 130 41.03 1.00 10.70
CA GLN C 130 41.86 -0.20 10.76
C GLN C 130 42.73 -0.32 9.52
#